data_5NNO
#
_entry.id   5NNO
#
_cell.length_a   89.168
_cell.length_b   62.524
_cell.length_c   92.974
_cell.angle_alpha   90.00
_cell.angle_beta   100.08
_cell.angle_gamma   90.00
#
_symmetry.space_group_name_H-M   'P 1 21 1'
#
loop_
_entity.id
_entity.type
_entity.pdbx_description
1 polymer 'Aldehyde dehydrogenase'
2 non-polymer NICOTINAMIDE-ADENINE-DINUCLEOTIDE
3 non-polymer 4-[(1-oxidanyl-3~{H}-2,1-benzoxaborol-5-yl)oxy]benzaldehyde
4 water water
#
_entity_poly.entity_id   1
_entity_poly.type   'polypeptide(L)'
_entity_poly.pdbx_seq_one_letter_code
;GSMAPAGVPENTSLENIPVIVSKCREAFNDDANRDLKKRKQVLRSLLNLVEENTDEFCKAIHRDRRRHRDETVVMEILPL
RNEVWHLIEHMDEYVKPVKPTMEGAAALDDCELQYEPLGVVLVIGTWNYPLLLILQPLLGALAAGNTAVIKPSELAPATA
ELLTKLLPKYVSSDVVGIVNGGVSETTAVLKERFDHILYTGSARVAEIVMAAAAKHLTPVTLELGGKSPVVVDDTCADNM
KVVAERIMWGKIINAGQTSIAPDYVVVEKSMESVLVDALAEARKAMLGDKFLKVLKGELLVKQKQQFLEESDYPRIVNAS
HFQRLMEFMKGGKVAVGGEADEATLTIAPTILTNIDPTHPVMQEEIFGPILPVLTYENEKDILKIINSREKPLALYVFSN
NKRFIRGVESRTSSGAVVVNDVVVHAGADGLPFGGVGRSGMGAYHGRYSFETFSHRRPVMRRGFLFSSIDTVRFPPYTTA
KSRVLNSLLKPSAEVAGAVGRSVWGVAALARVVEVGYHYMRFLMAGETTPAPSSSEPFSKSPRSNE
;
_entity_poly.pdbx_strand_id   A,B
#
# COMPACT_ATOMS: atom_id res chain seq x y z
N ALA A 6 30.28 -25.62 10.50
CA ALA A 6 29.05 -25.45 11.33
C ALA A 6 28.98 -24.03 11.93
N GLY A 7 27.81 -23.65 12.42
CA GLY A 7 27.56 -22.28 12.91
C GLY A 7 26.76 -21.38 11.97
N VAL A 8 27.15 -21.33 10.68
CA VAL A 8 26.61 -20.37 9.69
C VAL A 8 26.21 -21.03 8.36
N PRO A 9 25.32 -20.37 7.59
CA PRO A 9 25.05 -20.83 6.24
C PRO A 9 26.13 -20.35 5.25
N GLU A 10 26.11 -20.95 4.07
CA GLU A 10 27.00 -20.57 2.99
C GLU A 10 26.44 -19.26 2.45
N ASN A 11 27.29 -18.24 2.26
CA ASN A 11 26.91 -17.02 1.53
C ASN A 11 26.57 -17.39 0.08
N THR A 12 25.36 -17.07 -0.36
CA THR A 12 24.89 -17.36 -1.72
C THR A 12 25.76 -16.63 -2.73
N SER A 13 26.19 -17.34 -3.76
CA SER A 13 27.00 -16.77 -4.84
C SER A 13 26.16 -15.76 -5.63
N LEU A 14 26.79 -14.65 -6.03
CA LEU A 14 26.11 -13.60 -6.81
C LEU A 14 25.58 -14.09 -8.17
N GLU A 15 26.34 -14.98 -8.82
CA GLU A 15 25.93 -15.67 -10.06
C GLU A 15 24.61 -16.46 -9.92
N ASN A 16 24.38 -17.07 -8.74
CA ASN A 16 23.18 -17.88 -8.44
C ASN A 16 21.95 -17.09 -8.00
N ILE A 17 22.13 -15.82 -7.65
CA ILE A 17 21.02 -15.04 -7.11
C ILE A 17 19.94 -14.77 -8.18
N PRO A 18 20.33 -14.38 -9.41
CA PRO A 18 19.35 -14.31 -10.51
C PRO A 18 18.75 -15.67 -10.87
N VAL A 19 19.58 -16.72 -10.87
CA VAL A 19 19.12 -18.08 -11.17
C VAL A 19 17.99 -18.46 -10.19
N ILE A 20 18.21 -18.24 -8.89
CA ILE A 20 17.20 -18.57 -7.86
C ILE A 20 15.86 -17.83 -8.08
N VAL A 21 15.93 -16.54 -8.40
CA VAL A 21 14.70 -15.73 -8.62
C VAL A 21 14.05 -16.09 -9.95
N SER A 22 14.86 -16.23 -10.99
CA SER A 22 14.35 -16.69 -12.29
C SER A 22 13.64 -18.06 -12.22
N LYS A 23 14.06 -18.96 -11.31
CA LYS A 23 13.38 -20.26 -11.16
C LYS A 23 12.00 -20.17 -10.49
N CYS A 24 11.85 -19.24 -9.54
CA CYS A 24 10.59 -18.99 -8.81
C CYS A 24 9.58 -18.23 -9.67
N ARG A 25 10.11 -17.35 -10.53
CA ARG A 25 9.33 -16.66 -11.57
C ARG A 25 8.63 -17.70 -12.47
N GLU A 26 9.41 -18.65 -12.98
N GLU A 26 9.41 -18.65 -12.98
CA GLU A 26 8.90 -19.67 -13.89
CA GLU A 26 8.91 -19.68 -13.89
C GLU A 26 7.86 -20.54 -13.19
C GLU A 26 7.87 -20.55 -13.19
N ALA A 27 8.21 -20.98 -12.00
CA ALA A 27 7.29 -21.68 -11.09
C ALA A 27 5.93 -21.00 -10.94
N PHE A 28 5.93 -19.72 -10.51
CA PHE A 28 4.70 -18.93 -10.42
C PHE A 28 3.97 -18.97 -11.76
N ASN A 29 4.72 -18.64 -12.83
CA ASN A 29 4.22 -18.58 -14.21
C ASN A 29 3.63 -19.94 -14.68
N ASP A 30 4.21 -21.05 -14.19
CA ASP A 30 3.76 -22.41 -14.52
C ASP A 30 2.68 -22.94 -13.58
N ASP A 31 2.02 -22.04 -12.84
CA ASP A 31 0.97 -22.40 -11.86
C ASP A 31 1.42 -23.31 -10.70
N ALA A 32 2.68 -23.22 -10.28
CA ALA A 32 3.22 -24.01 -9.11
C ALA A 32 2.43 -23.95 -7.80
N ASN A 33 1.76 -22.82 -7.52
CA ASN A 33 1.07 -22.56 -6.23
C ASN A 33 -0.30 -21.86 -6.42
N ARG A 34 -0.98 -22.13 -7.54
CA ARG A 34 -2.21 -21.41 -7.91
C ARG A 34 -3.43 -22.04 -7.26
N ASP A 35 -3.63 -23.33 -7.53
N ASP A 35 -3.63 -23.33 -7.54
CA ASP A 35 -4.77 -24.12 -7.09
CA ASP A 35 -4.80 -24.09 -7.11
C ASP A 35 -4.79 -24.25 -5.58
C ASP A 35 -4.80 -24.25 -5.59
N LEU A 36 -5.99 -24.23 -4.99
CA LEU A 36 -6.15 -24.29 -3.52
C LEU A 36 -5.66 -25.59 -2.86
N LYS A 37 -5.80 -26.72 -3.54
CA LYS A 37 -5.19 -27.97 -3.08
C LYS A 37 -3.67 -27.78 -2.85
N LYS A 38 -2.99 -27.17 -3.82
CA LYS A 38 -1.53 -26.98 -3.74
C LYS A 38 -1.06 -26.02 -2.64
N ARG A 39 -1.79 -24.93 -2.44
CA ARG A 39 -1.45 -23.98 -1.40
C ARG A 39 -1.56 -24.62 0.00
N LYS A 40 -2.60 -25.42 0.22
CA LYS A 40 -2.84 -26.11 1.49
C LYS A 40 -1.82 -27.22 1.82
N GLN A 41 -1.42 -27.99 0.80
CA GLN A 41 -0.29 -28.92 0.93
C GLN A 41 0.96 -28.20 1.40
N VAL A 42 1.29 -27.09 0.73
CA VAL A 42 2.49 -26.33 0.99
C VAL A 42 2.42 -25.70 2.38
N LEU A 43 1.29 -25.11 2.75
CA LEU A 43 1.06 -24.62 4.10
C LEU A 43 1.11 -25.77 5.16
N ARG A 44 0.62 -26.96 4.81
CA ARG A 44 0.79 -28.16 5.64
C ARG A 44 2.25 -28.64 5.78
N SER A 45 3.00 -28.62 4.68
N SER A 45 3.00 -28.62 4.68
CA SER A 45 4.42 -28.98 4.73
CA SER A 45 4.42 -28.98 4.73
C SER A 45 5.26 -28.03 5.58
C SER A 45 5.26 -28.03 5.58
N LEU A 46 4.81 -26.77 5.71
CA LEU A 46 5.48 -25.79 6.57
C LEU A 46 5.03 -25.92 8.04
N LEU A 47 3.81 -26.40 8.28
CA LEU A 47 3.41 -26.88 9.59
C LEU A 47 4.26 -28.07 10.06
N ASN A 48 4.50 -29.04 9.17
CA ASN A 48 5.40 -30.17 9.49
C ASN A 48 6.83 -29.73 9.78
N LEU A 49 7.40 -28.90 8.90
CA LEU A 49 8.70 -28.27 9.14
C LEU A 49 8.83 -27.76 10.59
N VAL A 50 7.82 -27.02 11.05
CA VAL A 50 7.85 -26.37 12.36
C VAL A 50 7.59 -27.40 13.48
N GLU A 51 6.51 -28.18 13.35
CA GLU A 51 6.13 -29.15 14.38
C GLU A 51 7.16 -30.26 14.62
N GLU A 52 7.74 -30.81 13.54
CA GLU A 52 8.65 -31.97 13.64
C GLU A 52 10.06 -31.59 14.12
N ASN A 53 10.43 -30.32 13.99
CA ASN A 53 11.78 -29.81 14.29
C ASN A 53 11.75 -28.65 15.32
N THR A 54 10.65 -28.55 16.09
CA THR A 54 10.48 -27.54 17.14
C THR A 54 11.70 -27.52 18.10
N ASP A 55 12.08 -28.72 18.55
CA ASP A 55 13.29 -28.94 19.35
C ASP A 55 14.55 -28.31 18.73
N GLU A 56 14.92 -28.74 17.53
CA GLU A 56 16.13 -28.25 16.83
C GLU A 56 16.12 -26.73 16.64
N PHE A 57 14.96 -26.17 16.28
CA PHE A 57 14.80 -24.73 16.10
C PHE A 57 14.99 -23.97 17.41
N CYS A 58 14.37 -24.47 18.48
CA CYS A 58 14.61 -23.89 19.82
C CYS A 58 16.10 -23.91 20.20
N LYS A 59 16.79 -25.01 19.96
CA LYS A 59 18.26 -25.11 20.18
C LYS A 59 19.09 -24.13 19.31
N ALA A 60 18.69 -23.95 18.06
CA ALA A 60 19.33 -23.01 17.13
C ALA A 60 19.12 -21.56 17.57
N ILE A 61 17.88 -21.24 17.89
CA ILE A 61 17.49 -19.91 18.37
C ILE A 61 18.13 -19.59 19.74
N HIS A 62 18.43 -20.62 20.55
CA HIS A 62 19.21 -20.44 21.78
C HIS A 62 20.67 -20.06 21.53
N ARG A 63 21.35 -20.76 20.63
CA ARG A 63 22.72 -20.41 20.25
C ARG A 63 22.87 -19.01 19.69
N ASP A 64 21.90 -18.54 18.90
CA ASP A 64 21.91 -17.16 18.38
C ASP A 64 21.53 -16.11 19.42
N ARG A 65 20.40 -16.33 20.10
N ARG A 65 20.40 -16.33 20.10
CA ARG A 65 19.79 -15.34 20.99
CA ARG A 65 19.79 -15.34 20.99
C ARG A 65 20.03 -15.56 22.51
C ARG A 65 20.03 -15.56 22.51
N ARG A 66 20.36 -16.78 22.91
CA ARG A 66 20.33 -17.20 24.32
C ARG A 66 18.93 -17.06 24.93
N ARG A 67 17.90 -17.29 24.12
CA ARG A 67 16.52 -17.37 24.61
C ARG A 67 16.20 -18.78 25.09
N HIS A 68 15.28 -18.86 26.03
CA HIS A 68 14.90 -20.13 26.63
C HIS A 68 13.88 -20.72 25.71
N ARG A 69 13.80 -22.04 25.72
CA ARG A 69 12.88 -22.81 24.89
C ARG A 69 11.42 -22.39 25.07
N ASP A 70 11.03 -22.15 26.31
CA ASP A 70 9.67 -21.71 26.63
C ASP A 70 9.39 -20.28 26.16
N GLU A 71 10.38 -19.39 26.22
CA GLU A 71 10.29 -18.04 25.66
C GLU A 71 10.07 -18.15 24.14
N THR A 72 10.84 -19.00 23.50
CA THR A 72 10.76 -19.21 22.07
C THR A 72 9.43 -19.84 21.62
N VAL A 73 8.97 -20.87 22.34
CA VAL A 73 7.65 -21.49 22.11
C VAL A 73 6.50 -20.48 22.11
N VAL A 74 6.41 -19.67 23.16
CA VAL A 74 5.39 -18.63 23.27
C VAL A 74 5.51 -17.54 22.18
N MET A 75 6.72 -17.07 21.91
CA MET A 75 6.95 -15.91 21.01
C MET A 75 7.03 -16.22 19.49
N GLU A 76 7.35 -17.47 19.13
CA GLU A 76 7.66 -17.86 17.74
C GLU A 76 6.98 -19.14 17.31
N ILE A 77 7.23 -20.23 18.01
CA ILE A 77 6.70 -21.52 17.60
C ILE A 77 5.16 -21.54 17.56
N LEU A 78 4.48 -21.19 18.64
CA LEU A 78 3.01 -21.29 18.69
C LEU A 78 2.30 -20.27 17.84
N PRO A 79 2.78 -19.00 17.78
CA PRO A 79 2.23 -18.02 16.80
C PRO A 79 2.31 -18.46 15.32
N LEU A 80 3.38 -19.18 14.95
CA LEU A 80 3.53 -19.77 13.61
C LEU A 80 2.68 -20.99 13.38
N ARG A 81 2.38 -21.76 14.42
CA ARG A 81 1.42 -22.82 14.28
C ARG A 81 0.00 -22.28 14.08
N ASN A 82 -0.38 -21.31 14.93
CA ASN A 82 -1.69 -20.64 14.84
C ASN A 82 -1.93 -19.94 13.49
N GLU A 83 -0.87 -19.38 12.92
CA GLU A 83 -0.92 -18.75 11.62
C GLU A 83 -1.18 -19.79 10.52
N VAL A 84 -0.45 -20.91 10.54
CA VAL A 84 -0.72 -21.98 9.56
C VAL A 84 -2.16 -22.47 9.68
N TRP A 85 -2.60 -22.77 10.89
CA TRP A 85 -3.99 -23.19 11.13
C TRP A 85 -5.00 -22.19 10.59
N HIS A 86 -4.85 -20.91 10.95
CA HIS A 86 -5.79 -19.86 10.54
C HIS A 86 -5.94 -19.77 9.02
N LEU A 87 -4.83 -19.91 8.31
CA LEU A 87 -4.78 -19.66 6.88
C LEU A 87 -5.38 -20.79 6.04
N ILE A 88 -5.23 -22.01 6.52
CA ILE A 88 -5.84 -23.20 5.92
C ILE A 88 -7.35 -23.19 6.19
N GLU A 89 -7.72 -22.86 7.43
CA GLU A 89 -9.14 -22.81 7.82
C GLU A 89 -9.97 -21.77 7.10
N HIS A 90 -9.38 -20.60 6.85
CA HIS A 90 -10.10 -19.48 6.24
C HIS A 90 -9.75 -19.20 4.77
N MET A 91 -8.96 -20.07 4.13
CA MET A 91 -8.52 -19.82 2.75
C MET A 91 -9.68 -19.75 1.77
N ASP A 92 -10.59 -20.71 1.89
CA ASP A 92 -11.78 -20.80 1.04
C ASP A 92 -12.70 -19.59 1.25
N GLU A 93 -12.67 -19.01 2.45
CA GLU A 93 -13.35 -17.75 2.73
C GLU A 93 -12.65 -16.61 1.98
N TYR A 94 -11.34 -16.50 2.16
CA TYR A 94 -10.52 -15.40 1.64
C TYR A 94 -10.36 -15.32 0.13
N VAL A 95 -10.31 -16.46 -0.56
CA VAL A 95 -10.26 -16.45 -2.04
C VAL A 95 -11.51 -15.86 -2.69
N LYS A 96 -12.66 -16.03 -2.06
CA LYS A 96 -13.96 -15.79 -2.68
C LYS A 96 -14.26 -14.33 -2.94
N PRO A 97 -14.79 -14.02 -4.15
CA PRO A 97 -15.11 -12.65 -4.51
C PRO A 97 -16.11 -11.94 -3.59
N VAL A 98 -15.94 -10.62 -3.48
CA VAL A 98 -16.80 -9.78 -2.64
C VAL A 98 -17.69 -8.91 -3.54
N LYS A 99 -18.96 -8.84 -3.17
CA LYS A 99 -19.96 -8.03 -3.85
C LYS A 99 -19.92 -6.65 -3.19
N PRO A 100 -19.28 -5.65 -3.84
CA PRO A 100 -19.23 -4.34 -3.19
C PRO A 100 -20.62 -3.73 -3.17
N THR A 101 -20.87 -2.76 -2.30
CA THR A 101 -22.10 -1.98 -2.38
C THR A 101 -21.94 -0.89 -3.47
N MET A 102 -22.81 -0.97 -4.46
CA MET A 102 -22.77 -0.08 -5.60
C MET A 102 -23.77 1.06 -5.41
N GLU A 103 -23.46 2.21 -6.00
CA GLU A 103 -24.27 3.41 -5.86
C GLU A 103 -24.37 4.09 -7.24
N GLY A 104 -25.50 4.72 -7.52
CA GLY A 104 -25.74 5.31 -8.83
C GLY A 104 -25.74 4.29 -9.95
N ALA A 105 -25.57 4.79 -11.17
CA ALA A 105 -25.76 4.05 -12.44
C ALA A 105 -25.28 2.58 -12.45
N ALA A 106 -24.08 2.35 -11.92
CA ALA A 106 -23.44 1.01 -11.90
C ALA A 106 -24.10 -0.01 -10.99
N ALA A 107 -25.04 0.43 -10.15
CA ALA A 107 -25.89 -0.47 -9.35
C ALA A 107 -26.90 -1.29 -10.18
N LEU A 108 -27.08 -0.95 -11.44
CA LEU A 108 -27.87 -1.78 -12.37
C LEU A 108 -27.06 -2.96 -12.91
N ASP A 109 -25.75 -2.91 -12.75
CA ASP A 109 -24.83 -3.89 -13.35
C ASP A 109 -24.51 -4.98 -12.32
N ASP A 110 -23.73 -5.98 -12.73
CA ASP A 110 -23.24 -7.04 -11.82
C ASP A 110 -21.77 -6.77 -11.60
N CYS A 111 -21.41 -6.47 -10.36
CA CYS A 111 -20.07 -6.04 -10.03
C CYS A 111 -19.44 -6.94 -8.97
N GLU A 112 -18.11 -7.01 -8.95
CA GLU A 112 -17.39 -7.98 -8.14
C GLU A 112 -15.92 -7.58 -7.86
N LEU A 113 -15.46 -7.90 -6.64
CA LEU A 113 -14.07 -7.73 -6.24
C LEU A 113 -13.42 -9.11 -6.08
N GLN A 114 -12.55 -9.49 -7.02
CA GLN A 114 -11.88 -10.81 -6.98
C GLN A 114 -10.45 -10.62 -6.46
N TYR A 115 -9.88 -11.65 -5.86
CA TYR A 115 -8.51 -11.61 -5.36
C TYR A 115 -7.69 -12.60 -6.17
N GLU A 116 -6.53 -12.10 -6.63
CA GLU A 116 -5.66 -12.86 -7.53
C GLU A 116 -4.27 -12.67 -7.00
N PRO A 117 -3.41 -13.70 -7.18
CA PRO A 117 -2.00 -13.59 -6.82
C PRO A 117 -1.24 -12.45 -7.54
N LEU A 118 -0.10 -12.04 -6.97
CA LEU A 118 0.74 -10.99 -7.55
C LEU A 118 1.90 -11.56 -8.34
N GLY A 119 2.60 -12.55 -7.77
CA GLY A 119 3.64 -13.27 -8.50
C GLY A 119 4.71 -13.80 -7.61
N VAL A 120 5.90 -13.17 -7.66
CA VAL A 120 7.03 -13.56 -6.81
C VAL A 120 7.29 -12.55 -5.66
N VAL A 121 7.22 -13.05 -4.44
CA VAL A 121 7.32 -12.22 -3.23
C VAL A 121 8.71 -12.39 -2.60
N LEU A 122 9.36 -11.28 -2.20
CA LEU A 122 10.61 -11.31 -1.42
C LEU A 122 10.38 -10.99 0.05
N VAL A 123 10.88 -11.85 0.93
CA VAL A 123 10.82 -11.60 2.38
C VAL A 123 12.25 -11.40 2.80
N ILE A 124 12.51 -10.25 3.39
CA ILE A 124 13.77 -9.97 4.03
C ILE A 124 13.48 -9.98 5.53
N GLY A 125 14.32 -10.69 6.28
CA GLY A 125 14.06 -10.99 7.69
C GLY A 125 15.03 -10.28 8.60
N THR A 126 14.84 -10.53 9.88
CA THR A 126 15.65 -9.90 10.90
C THR A 126 15.95 -10.88 12.02
N TRP A 127 16.93 -10.49 12.80
CA TRP A 127 17.62 -11.42 13.72
C TRP A 127 16.93 -11.73 15.03
N ASN A 128 16.14 -10.81 15.58
CA ASN A 128 15.65 -10.91 16.98
C ASN A 128 14.62 -12.03 17.30
N TYR A 129 13.79 -12.34 16.31
CA TYR A 129 12.90 -13.48 16.33
C TYR A 129 13.04 -14.10 14.93
N PRO A 130 14.11 -14.88 14.72
CA PRO A 130 14.53 -15.20 13.35
C PRO A 130 13.62 -16.14 12.57
N LEU A 131 12.98 -17.11 13.24
CA LEU A 131 12.03 -17.99 12.55
C LEU A 131 10.68 -17.31 12.26
N LEU A 132 10.02 -16.85 13.32
CA LEU A 132 8.77 -16.11 13.24
C LEU A 132 8.77 -15.00 12.16
N LEU A 133 9.84 -14.22 12.10
CA LEU A 133 9.87 -13.05 11.23
C LEU A 133 10.37 -13.32 9.79
N ILE A 134 10.60 -14.59 9.46
CA ILE A 134 10.91 -15.07 8.11
C ILE A 134 9.77 -15.96 7.58
N LEU A 135 9.22 -16.85 8.42
CA LEU A 135 8.14 -17.77 8.02
C LEU A 135 6.73 -17.17 8.08
N GLN A 136 6.41 -16.32 9.04
CA GLN A 136 5.04 -15.75 9.12
C GLN A 136 4.64 -14.93 7.86
N PRO A 137 5.59 -14.11 7.34
CA PRO A 137 5.42 -13.52 6.03
C PRO A 137 5.25 -14.55 4.90
N LEU A 138 6.10 -15.57 4.92
CA LEU A 138 6.08 -16.65 3.95
C LEU A 138 4.76 -17.38 3.82
N LEU A 139 4.16 -17.70 4.96
CA LEU A 139 2.86 -18.38 5.00
C LEU A 139 1.81 -17.53 4.27
N GLY A 140 1.90 -16.21 4.41
CA GLY A 140 0.89 -15.29 3.88
C GLY A 140 0.99 -15.13 2.37
N ALA A 141 2.21 -14.88 1.90
CA ALA A 141 2.57 -14.97 0.49
C ALA A 141 2.08 -16.24 -0.21
N LEU A 142 2.37 -17.41 0.34
CA LEU A 142 1.96 -18.72 -0.24
C LEU A 142 0.46 -19.02 -0.14
N ALA A 143 -0.18 -18.48 0.90
CA ALA A 143 -1.63 -18.59 1.04
C ALA A 143 -2.38 -17.79 -0.05
N ALA A 144 -1.74 -16.74 -0.55
CA ALA A 144 -2.32 -15.88 -1.60
C ALA A 144 -1.98 -16.32 -3.02
N GLY A 145 -1.40 -17.50 -3.18
CA GLY A 145 -0.99 -18.04 -4.48
C GLY A 145 0.29 -17.47 -5.06
N ASN A 146 1.13 -16.82 -4.26
CA ASN A 146 2.44 -16.39 -4.75
C ASN A 146 3.46 -17.54 -4.63
N THR A 147 4.56 -17.41 -5.36
CA THR A 147 5.81 -18.12 -5.05
C THR A 147 6.69 -17.10 -4.34
N ALA A 148 7.78 -17.56 -3.71
CA ALA A 148 8.52 -16.71 -2.73
C ALA A 148 10.04 -16.90 -2.71
N VAL A 149 10.74 -15.81 -2.34
CA VAL A 149 12.17 -15.86 -2.02
C VAL A 149 12.32 -15.27 -0.63
N ILE A 150 13.14 -15.93 0.19
CA ILE A 150 13.36 -15.51 1.58
C ILE A 150 14.83 -15.19 1.79
N LYS A 151 15.08 -14.13 2.57
CA LYS A 151 16.43 -13.71 2.89
C LYS A 151 16.56 -13.65 4.41
N PRO A 152 17.08 -14.73 5.03
CA PRO A 152 17.28 -14.70 6.51
C PRO A 152 18.34 -13.73 6.97
N SER A 153 18.08 -13.10 8.10
CA SER A 153 19.11 -12.29 8.74
C SER A 153 20.38 -13.09 8.96
N GLU A 154 21.52 -12.47 8.69
CA GLU A 154 22.84 -13.05 8.91
C GLU A 154 23.28 -12.92 10.37
N LEU A 155 22.64 -11.99 11.08
CA LEU A 155 22.86 -11.80 12.50
C LEU A 155 22.09 -12.84 13.36
N ALA A 156 21.46 -13.84 12.74
CA ALA A 156 21.09 -15.10 13.44
C ALA A 156 21.49 -16.31 12.56
N PRO A 157 22.82 -16.57 12.46
CA PRO A 157 23.36 -17.52 11.50
C PRO A 157 22.93 -18.96 11.72
N ALA A 158 22.88 -19.39 12.99
CA ALA A 158 22.52 -20.77 13.30
C ALA A 158 21.08 -21.04 12.86
N THR A 159 20.16 -20.12 13.17
CA THR A 159 18.77 -20.27 12.70
C THR A 159 18.67 -20.20 11.14
N ALA A 160 19.44 -19.33 10.50
CA ALA A 160 19.55 -19.33 9.03
C ALA A 160 20.12 -20.64 8.48
N GLU A 161 21.14 -21.19 9.16
CA GLU A 161 21.77 -22.45 8.72
C GLU A 161 20.75 -23.58 8.74
N LEU A 162 20.13 -23.78 9.91
CA LEU A 162 19.18 -24.86 10.11
C LEU A 162 17.99 -24.78 9.13
N LEU A 163 17.36 -23.61 9.02
CA LEU A 163 16.23 -23.41 8.08
C LEU A 163 16.61 -23.68 6.59
N THR A 164 17.80 -23.23 6.19
CA THR A 164 18.39 -23.57 4.90
C THR A 164 18.59 -25.10 4.69
N LYS A 165 18.96 -25.76 5.77
CA LYS A 165 19.10 -27.21 5.82
C LYS A 165 17.74 -27.86 5.68
N LEU A 166 16.76 -27.43 6.48
CA LEU A 166 15.48 -28.15 6.58
C LEU A 166 14.36 -27.73 5.59
N LEU A 167 14.25 -26.45 5.25
CA LEU A 167 13.14 -26.00 4.41
C LEU A 167 12.97 -26.74 3.06
N PRO A 168 14.05 -26.90 2.27
CA PRO A 168 13.97 -27.68 1.03
C PRO A 168 13.68 -29.18 1.16
N LYS A 169 13.69 -29.74 2.37
CA LYS A 169 13.23 -31.12 2.55
C LYS A 169 11.69 -31.21 2.57
N TYR A 170 11.03 -30.08 2.81
CA TYR A 170 9.57 -29.97 2.89
C TYR A 170 8.92 -29.29 1.66
N VAL A 171 9.57 -28.24 1.17
CA VAL A 171 9.07 -27.38 0.10
C VAL A 171 10.21 -27.12 -0.90
N SER A 172 9.89 -27.23 -2.20
CA SER A 172 10.91 -27.12 -3.25
C SER A 172 11.37 -25.69 -3.43
N SER A 173 12.62 -25.54 -3.86
CA SER A 173 13.26 -24.23 -4.00
C SER A 173 12.64 -23.34 -5.08
N ASP A 174 12.03 -23.98 -6.08
CA ASP A 174 11.30 -23.29 -7.13
C ASP A 174 10.00 -22.69 -6.63
N VAL A 175 9.40 -23.29 -5.60
CA VAL A 175 8.27 -22.64 -4.90
C VAL A 175 8.73 -21.58 -3.87
N VAL A 176 9.72 -21.91 -3.01
CA VAL A 176 10.29 -21.00 -1.97
C VAL A 176 11.82 -21.00 -2.07
N GLY A 177 12.39 -19.94 -2.64
CA GLY A 177 13.85 -19.84 -2.84
C GLY A 177 14.56 -19.29 -1.61
N ILE A 178 15.84 -19.63 -1.43
CA ILE A 178 16.64 -19.12 -0.30
C ILE A 178 17.90 -18.39 -0.74
N VAL A 179 18.12 -17.20 -0.18
CA VAL A 179 19.32 -16.38 -0.39
C VAL A 179 19.92 -16.04 0.97
N ASN A 180 21.16 -16.43 1.23
CA ASN A 180 21.83 -16.09 2.52
C ASN A 180 23.01 -15.12 2.30
N GLY A 181 23.24 -14.29 3.30
CA GLY A 181 24.29 -13.26 3.28
C GLY A 181 23.82 -11.97 3.90
N GLY A 182 24.74 -11.00 3.96
CA GLY A 182 24.49 -9.70 4.62
C GLY A 182 24.17 -8.64 3.59
N VAL A 183 24.96 -7.56 3.59
CA VAL A 183 24.70 -6.39 2.73
C VAL A 183 24.85 -6.66 1.21
N SER A 184 25.85 -7.45 0.82
CA SER A 184 26.19 -7.62 -0.61
C SER A 184 25.19 -8.55 -1.28
N GLU A 185 24.94 -9.67 -0.63
CA GLU A 185 24.01 -10.65 -1.18
C GLU A 185 22.59 -10.05 -1.27
N THR A 186 22.24 -9.23 -0.29
CA THR A 186 20.93 -8.61 -0.21
C THR A 186 20.79 -7.49 -1.26
N THR A 187 21.86 -6.74 -1.54
CA THR A 187 21.86 -5.75 -2.63
C THR A 187 21.69 -6.42 -4.03
N ALA A 188 22.30 -7.59 -4.21
CA ALA A 188 22.17 -8.32 -5.46
C ALA A 188 20.71 -8.79 -5.68
N VAL A 189 20.12 -9.48 -4.71
CA VAL A 189 18.69 -9.89 -4.80
C VAL A 189 17.76 -8.71 -5.13
N LEU A 190 17.98 -7.56 -4.50
CA LEU A 190 17.12 -6.38 -4.70
C LEU A 190 17.24 -5.76 -6.10
N LYS A 191 18.31 -6.06 -6.80
CA LYS A 191 18.36 -5.82 -8.23
C LYS A 191 17.40 -6.69 -9.10
N GLU A 192 16.87 -7.79 -8.56
CA GLU A 192 15.92 -8.68 -9.27
C GLU A 192 14.45 -8.24 -9.12
N ARG A 193 13.63 -8.61 -10.11
N ARG A 193 13.63 -8.61 -10.10
CA ARG A 193 12.24 -8.16 -10.18
CA ARG A 193 12.24 -8.17 -10.17
C ARG A 193 11.36 -9.04 -9.27
C ARG A 193 11.37 -9.04 -9.27
N PHE A 194 10.64 -8.41 -8.36
CA PHE A 194 9.60 -9.08 -7.56
C PHE A 194 8.31 -8.33 -7.68
N ASP A 195 7.20 -8.96 -7.29
CA ASP A 195 5.87 -8.32 -7.30
C ASP A 195 5.37 -7.82 -5.92
N HIS A 196 6.07 -8.18 -4.84
CA HIS A 196 5.92 -7.55 -3.53
C HIS A 196 7.16 -7.85 -2.65
N ILE A 197 7.62 -6.86 -1.90
CA ILE A 197 8.69 -7.08 -0.94
C ILE A 197 8.09 -6.84 0.43
N LEU A 198 8.38 -7.76 1.35
CA LEU A 198 8.10 -7.52 2.76
C LEU A 198 9.43 -7.45 3.51
N TYR A 199 9.65 -6.33 4.17
CA TYR A 199 10.90 -6.10 4.85
C TYR A 199 10.63 -5.80 6.32
N THR A 200 11.42 -6.44 7.19
CA THR A 200 11.47 -6.13 8.58
C THR A 200 12.90 -5.71 8.86
N GLY A 201 13.06 -4.66 9.66
CA GLY A 201 14.37 -4.06 9.98
C GLY A 201 14.32 -2.57 10.28
N SER A 202 15.46 -1.90 10.17
CA SER A 202 15.59 -0.49 10.48
C SER A 202 15.07 0.43 9.33
N ALA A 203 14.57 1.60 9.72
CA ALA A 203 14.16 2.63 8.79
C ALA A 203 15.29 3.07 7.90
N ARG A 204 16.50 3.13 8.43
CA ARG A 204 17.64 3.49 7.58
C ARG A 204 17.76 2.54 6.37
N VAL A 205 17.67 1.24 6.61
CA VAL A 205 17.84 0.24 5.56
C VAL A 205 16.55 0.10 4.73
N ALA A 206 15.40 0.39 5.35
CA ALA A 206 14.11 0.45 4.66
C ALA A 206 14.10 1.43 3.47
N GLU A 207 14.79 2.57 3.63
CA GLU A 207 14.93 3.56 2.57
C GLU A 207 15.68 3.00 1.36
N ILE A 208 16.71 2.19 1.63
CA ILE A 208 17.50 1.53 0.54
C ILE A 208 16.68 0.44 -0.17
N VAL A 209 15.92 -0.36 0.58
CA VAL A 209 15.00 -1.34 0.00
C VAL A 209 13.94 -0.68 -0.92
N MET A 210 13.31 0.38 -0.41
CA MET A 210 12.25 1.06 -1.13
C MET A 210 12.83 1.72 -2.36
N ALA A 211 14.04 2.26 -2.25
CA ALA A 211 14.80 2.74 -3.42
C ALA A 211 14.99 1.62 -4.47
N ALA A 212 15.39 0.44 -4.02
CA ALA A 212 15.43 -0.73 -4.90
C ALA A 212 14.08 -1.08 -5.48
N ALA A 213 13.04 -1.06 -4.65
CA ALA A 213 11.68 -1.36 -5.09
C ALA A 213 11.11 -0.43 -6.18
N ALA A 214 11.56 0.83 -6.19
CA ALA A 214 11.16 1.80 -7.21
C ALA A 214 11.71 1.45 -8.57
N LYS A 215 12.93 0.89 -8.62
CA LYS A 215 13.53 0.46 -9.90
C LYS A 215 12.55 -0.35 -10.74
N HIS A 216 11.79 -1.23 -10.09
CA HIS A 216 10.81 -2.13 -10.74
C HIS A 216 9.34 -1.84 -10.38
N LEU A 217 9.08 -0.68 -9.79
CA LEU A 217 7.76 -0.34 -9.21
C LEU A 217 7.13 -1.42 -8.30
N THR A 218 7.94 -2.03 -7.44
CA THR A 218 7.46 -3.10 -6.59
C THR A 218 6.81 -2.55 -5.29
N PRO A 219 5.55 -2.95 -5.02
CA PRO A 219 4.94 -2.52 -3.74
C PRO A 219 5.68 -3.17 -2.55
N VAL A 220 5.87 -2.35 -1.51
CA VAL A 220 6.58 -2.72 -0.30
C VAL A 220 5.61 -2.72 0.85
N THR A 221 5.85 -3.65 1.77
CA THR A 221 5.34 -3.64 3.11
C THR A 221 6.59 -3.60 4.03
N LEU A 222 6.69 -2.54 4.85
CA LEU A 222 7.88 -2.21 5.62
C LEU A 222 7.52 -2.28 7.10
N GLU A 223 8.16 -3.21 7.80
CA GLU A 223 7.89 -3.45 9.23
C GLU A 223 9.03 -2.93 10.08
N LEU A 224 8.83 -1.75 10.65
CA LEU A 224 9.95 -0.97 11.21
C LEU A 224 9.75 -0.67 12.72
N GLY A 225 10.55 0.25 13.25
CA GLY A 225 10.49 0.59 14.66
C GLY A 225 10.36 2.06 14.97
N GLY A 226 10.90 2.40 16.13
CA GLY A 226 10.66 3.65 16.82
C GLY A 226 10.55 3.38 18.30
N LYS A 227 10.16 4.41 19.04
CA LYS A 227 10.17 4.32 20.49
C LYS A 227 8.75 4.19 20.99
N SER A 228 8.32 2.95 21.22
CA SER A 228 6.97 2.66 21.70
C SER A 228 6.73 3.16 23.14
N PRO A 229 5.93 4.24 23.30
CA PRO A 229 5.75 4.78 24.66
C PRO A 229 4.80 3.94 25.51
N VAL A 230 5.02 3.99 26.84
CA VAL A 230 4.03 3.52 27.82
C VAL A 230 3.58 4.67 28.72
N VAL A 231 2.31 5.00 28.66
CA VAL A 231 1.76 6.06 29.46
C VAL A 231 1.07 5.40 30.65
N VAL A 232 1.51 5.76 31.87
CA VAL A 232 0.91 5.27 33.12
C VAL A 232 0.27 6.45 33.83
N ASP A 233 -1.01 6.33 34.14
CA ASP A 233 -1.72 7.43 34.78
C ASP A 233 -1.86 7.19 36.29
N ASP A 234 -2.70 7.99 36.94
CA ASP A 234 -2.87 7.91 38.41
C ASP A 234 -4.22 7.30 38.82
N THR A 235 -4.71 6.39 37.98
CA THR A 235 -5.91 5.62 38.27
C THR A 235 -5.60 4.11 38.36
N CYS A 236 -4.30 3.74 38.39
CA CYS A 236 -3.87 2.33 38.46
C CYS A 236 -3.20 1.92 39.77
N ALA A 237 -3.35 2.72 40.83
CA ALA A 237 -2.62 2.51 42.08
C ALA A 237 -2.82 1.10 42.62
N ASP A 238 -4.09 0.67 42.69
CA ASP A 238 -4.43 -0.65 43.24
C ASP A 238 -3.96 -1.84 42.38
N ASN A 239 -3.74 -1.61 41.08
CA ASN A 239 -3.30 -2.64 40.11
C ASN A 239 -1.80 -2.57 39.81
N MET A 240 -1.04 -1.74 40.54
CA MET A 240 0.38 -1.44 40.19
C MET A 240 1.29 -2.66 39.97
N LYS A 241 1.01 -3.76 40.68
CA LYS A 241 1.76 -5.01 40.49
C LYS A 241 1.50 -5.67 39.13
N VAL A 242 0.28 -5.53 38.58
CA VAL A 242 -0.03 -6.06 37.23
C VAL A 242 0.59 -5.19 36.14
N VAL A 243 0.51 -3.87 36.34
CA VAL A 243 1.11 -2.85 35.46
C VAL A 243 2.61 -3.03 35.37
N ALA A 244 3.23 -3.27 36.50
CA ALA A 244 4.67 -3.44 36.58
C ALA A 244 5.14 -4.73 35.96
N GLU A 245 4.45 -5.83 36.26
CA GLU A 245 4.83 -7.16 35.74
C GLU A 245 4.62 -7.28 34.23
N ARG A 246 3.61 -6.58 33.70
CA ARG A 246 3.38 -6.55 32.24
C ARG A 246 4.43 -5.73 31.52
N ILE A 247 4.79 -4.57 32.07
CA ILE A 247 5.83 -3.73 31.47
C ILE A 247 7.19 -4.35 31.57
N MET A 248 7.48 -5.03 32.67
CA MET A 248 8.80 -5.64 32.87
C MET A 248 8.95 -6.94 32.06
N TRP A 249 7.87 -7.71 31.94
CA TRP A 249 7.85 -8.86 31.05
C TRP A 249 8.17 -8.44 29.61
N GLY A 250 7.46 -7.40 29.12
CA GLY A 250 7.62 -6.91 27.76
C GLY A 250 9.00 -6.41 27.39
N LYS A 251 9.76 -6.00 28.40
CA LYS A 251 11.17 -5.58 28.29
C LYS A 251 12.18 -6.70 28.50
N ILE A 252 11.93 -7.59 29.45
CA ILE A 252 12.86 -8.70 29.77
C ILE A 252 13.05 -9.61 28.56
N ILE A 253 11.94 -9.97 27.92
CA ILE A 253 11.96 -10.81 26.70
C ILE A 253 13.00 -10.29 25.68
N ASN A 254 13.88 -11.20 25.24
CA ASN A 254 14.95 -10.94 24.26
C ASN A 254 15.97 -9.84 24.62
N ALA A 255 16.18 -9.63 25.92
CA ALA A 255 16.94 -8.49 26.47
C ALA A 255 16.52 -7.15 25.86
N GLY A 256 15.21 -6.91 25.81
CA GLY A 256 14.64 -5.68 25.21
C GLY A 256 14.55 -5.56 23.69
N GLN A 257 15.13 -6.52 22.97
CA GLN A 257 15.36 -6.40 21.53
C GLN A 257 14.16 -6.92 20.78
N THR A 258 13.10 -6.12 20.90
CA THR A 258 11.77 -6.39 20.42
C THR A 258 11.19 -5.04 20.00
N SER A 259 10.60 -4.97 18.80
CA SER A 259 10.20 -3.70 18.20
C SER A 259 8.96 -3.09 18.84
N ILE A 260 8.11 -3.96 19.35
CA ILE A 260 6.98 -3.56 20.19
C ILE A 260 7.21 -3.50 21.71
N ALA A 261 8.46 -3.62 22.21
CA ALA A 261 8.74 -3.56 23.66
C ALA A 261 8.56 -2.16 24.28
N PRO A 262 8.41 -2.09 25.61
CA PRO A 262 8.38 -0.77 26.25
C PRO A 262 9.75 -0.09 26.13
N ASP A 263 9.76 1.05 25.47
CA ASP A 263 11.01 1.75 25.12
C ASP A 263 11.28 2.73 26.28
N TYR A 264 10.30 3.56 26.56
CA TYR A 264 10.31 4.41 27.73
C TYR A 264 8.91 4.52 28.27
N VAL A 265 8.82 5.06 29.47
CA VAL A 265 7.57 5.26 30.19
C VAL A 265 7.35 6.74 30.41
N VAL A 266 6.07 7.15 30.42
CA VAL A 266 5.65 8.48 30.81
C VAL A 266 4.62 8.28 31.94
N VAL A 267 5.04 8.56 33.18
CA VAL A 267 4.24 8.30 34.37
C VAL A 267 3.71 9.62 34.97
N GLU A 268 2.49 9.59 35.48
CA GLU A 268 1.94 10.76 36.17
C GLU A 268 2.80 11.04 37.41
N LYS A 269 3.11 12.32 37.66
CA LYS A 269 4.17 12.76 38.55
C LYS A 269 4.05 12.11 39.95
N SER A 270 2.84 12.03 40.49
CA SER A 270 2.57 11.38 41.77
C SER A 270 2.75 9.84 41.83
N MET A 271 2.73 9.16 40.68
CA MET A 271 2.86 7.67 40.66
C MET A 271 4.29 7.14 40.38
N GLU A 272 5.26 8.04 40.21
CA GLU A 272 6.63 7.65 39.86
C GLU A 272 7.26 6.60 40.78
N SER A 273 7.25 6.87 42.10
CA SER A 273 7.97 6.06 43.03
C SER A 273 7.41 4.66 43.06
N VAL A 274 6.09 4.56 43.13
CA VAL A 274 5.38 3.26 43.22
C VAL A 274 5.54 2.36 41.98
N LEU A 275 5.59 2.98 40.80
CA LEU A 275 5.80 2.23 39.53
C LEU A 275 7.19 1.63 39.53
N VAL A 276 8.17 2.49 39.79
CA VAL A 276 9.61 2.15 39.73
C VAL A 276 9.93 1.00 40.66
N ASP A 277 9.43 1.14 41.88
CA ASP A 277 9.63 0.11 42.90
C ASP A 277 8.88 -1.18 42.44
N ALA A 278 7.63 -1.05 41.99
CA ALA A 278 6.91 -2.21 41.43
C ALA A 278 7.60 -2.88 40.19
N LEU A 279 8.18 -2.08 39.31
CA LEU A 279 9.07 -2.63 38.27
C LEU A 279 10.28 -3.39 38.82
N ALA A 280 10.92 -2.87 39.87
CA ALA A 280 12.07 -3.54 40.52
C ALA A 280 11.74 -4.90 41.17
N GLU A 281 10.63 -4.97 41.90
CA GLU A 281 10.10 -6.24 42.39
C GLU A 281 9.68 -7.24 41.26
N ALA A 282 9.05 -6.72 40.21
CA ALA A 282 8.74 -7.53 39.00
C ALA A 282 10.01 -8.10 38.37
N ARG A 283 11.02 -7.25 38.22
CA ARG A 283 12.34 -7.61 37.69
C ARG A 283 12.99 -8.73 38.47
N LYS A 284 13.01 -8.57 39.80
CA LYS A 284 13.62 -9.55 40.69
C LYS A 284 12.91 -10.89 40.62
N ALA A 285 11.58 -10.87 40.61
CA ALA A 285 10.75 -12.07 40.45
C ALA A 285 11.06 -12.86 39.16
N MET A 286 11.26 -12.15 38.05
CA MET A 286 11.37 -12.73 36.71
C MET A 286 12.81 -13.17 36.32
N LEU A 287 13.81 -12.46 36.84
CA LEU A 287 15.21 -12.79 36.57
C LEU A 287 15.83 -13.68 37.65
N GLY A 288 15.23 -13.72 38.83
CA GLY A 288 15.69 -14.60 39.88
C GLY A 288 16.92 -14.10 40.61
N ASP A 289 16.96 -14.44 41.91
CA ASP A 289 17.97 -13.94 42.86
C ASP A 289 19.44 -14.25 42.54
N LYS A 290 19.78 -15.53 42.41
CA LYS A 290 21.15 -15.92 42.07
C LYS A 290 21.68 -15.17 40.85
N PHE A 291 20.86 -15.09 39.79
CA PHE A 291 21.28 -14.48 38.54
C PHE A 291 21.78 -13.07 38.74
N LEU A 292 20.98 -12.24 39.41
CA LEU A 292 21.30 -10.82 39.61
C LEU A 292 22.45 -10.60 40.57
N LYS A 293 22.57 -11.45 41.58
CA LYS A 293 23.70 -11.34 42.50
C LYS A 293 25.02 -11.59 41.77
N VAL A 294 25.03 -12.61 40.91
CA VAL A 294 26.25 -12.98 40.18
C VAL A 294 26.61 -11.85 39.24
N LEU A 295 25.63 -11.39 38.47
CA LEU A 295 25.85 -10.28 37.53
C LEU A 295 26.38 -9.04 38.23
N LYS A 296 25.84 -8.73 39.41
CA LYS A 296 26.32 -7.57 40.17
C LYS A 296 27.69 -7.80 40.79
N GLY A 297 28.03 -9.05 41.09
CA GLY A 297 29.26 -9.40 41.80
C GLY A 297 29.13 -9.49 43.31
N GLU A 298 27.89 -9.44 43.82
CA GLU A 298 27.61 -9.66 45.27
C GLU A 298 27.66 -11.16 45.62
N LEU A 299 27.59 -12.03 44.60
CA LEU A 299 27.82 -13.48 44.76
C LEU A 299 28.77 -13.99 43.70
N LEU A 300 29.80 -14.71 44.13
CA LEU A 300 30.84 -15.24 43.26
C LEU A 300 30.51 -16.64 42.78
N VAL A 301 30.96 -16.97 41.56
CA VAL A 301 30.85 -18.31 41.02
C VAL A 301 32.16 -18.68 40.33
N LYS A 302 32.54 -19.95 40.44
CA LYS A 302 33.85 -20.41 39.94
C LYS A 302 34.09 -20.11 38.44
N GLN A 303 33.06 -20.17 37.61
CA GLN A 303 33.17 -19.95 36.16
C GLN A 303 32.16 -18.87 35.72
N LYS A 304 32.41 -17.59 36.02
CA LYS A 304 31.37 -16.57 35.87
C LYS A 304 30.79 -16.50 34.44
N GLN A 305 31.69 -16.41 33.44
CA GLN A 305 31.30 -16.34 32.02
C GLN A 305 30.42 -17.54 31.64
N GLN A 306 30.86 -18.74 32.02
CA GLN A 306 30.08 -19.97 31.83
C GLN A 306 28.64 -19.87 32.38
N PHE A 307 28.51 -19.38 33.61
CA PHE A 307 27.22 -19.28 34.29
C PHE A 307 26.21 -18.37 33.58
N LEU A 308 26.67 -17.20 33.13
CA LEU A 308 25.83 -16.25 32.37
C LEU A 308 25.43 -16.79 30.99
N GLU A 309 26.36 -17.43 30.29
CA GLU A 309 26.00 -18.11 29.02
C GLU A 309 24.96 -19.23 29.20
N GLU A 310 24.90 -19.81 30.42
CA GLU A 310 23.95 -20.89 30.78
C GLU A 310 22.66 -20.40 31.42
N SER A 311 22.47 -19.09 31.56
CA SER A 311 21.29 -18.53 32.21
C SER A 311 20.03 -18.54 31.34
N ASP A 312 18.92 -18.17 31.97
CA ASP A 312 17.63 -17.93 31.29
C ASP A 312 17.50 -16.57 30.60
N TYR A 313 18.37 -15.62 30.95
CA TYR A 313 18.31 -14.25 30.36
C TYR A 313 19.00 -14.20 28.98
N PRO A 314 18.37 -13.57 27.96
CA PRO A 314 19.01 -13.52 26.62
C PRO A 314 20.12 -12.47 26.49
N ARG A 315 20.86 -12.52 25.37
CA ARG A 315 22.04 -11.66 25.14
C ARG A 315 21.79 -10.52 24.16
N ILE A 316 22.70 -9.54 24.17
CA ILE A 316 22.68 -8.48 23.17
C ILE A 316 23.34 -9.08 21.93
N VAL A 317 22.91 -8.63 20.77
CA VAL A 317 23.30 -9.24 19.48
C VAL A 317 24.81 -9.16 19.23
N ASN A 318 25.43 -8.02 19.55
CA ASN A 318 26.88 -7.87 19.40
C ASN A 318 27.48 -6.79 20.32
N ALA A 319 28.81 -6.69 20.29
CA ALA A 319 29.57 -5.71 21.10
C ALA A 319 29.23 -4.22 20.88
N SER A 320 28.90 -3.85 19.65
CA SER A 320 28.61 -2.46 19.31
C SER A 320 27.33 -1.96 19.97
N HIS A 321 26.28 -2.77 19.89
CA HIS A 321 24.99 -2.48 20.51
C HIS A 321 25.03 -2.56 22.05
N PHE A 322 25.88 -3.44 22.61
CA PHE A 322 26.22 -3.51 24.06
C PHE A 322 26.76 -2.16 24.56
N GLN A 323 27.83 -1.69 23.94
CA GLN A 323 28.48 -0.42 24.30
C GLN A 323 27.57 0.78 24.14
N ARG A 324 26.83 0.82 23.03
CA ARG A 324 25.80 1.83 22.81
C ARG A 324 24.80 1.88 23.97
N LEU A 325 24.38 0.71 24.44
CA LEU A 325 23.41 0.60 25.52
C LEU A 325 24.01 0.98 26.90
N MET A 326 25.30 0.70 27.08
CA MET A 326 26.01 1.13 28.31
C MET A 326 26.28 2.64 28.36
N GLU A 327 26.35 3.31 27.20
CA GLU A 327 26.50 4.77 27.13
C GLU A 327 25.18 5.51 27.39
N PHE A 328 24.06 4.88 27.05
CA PHE A 328 22.73 5.38 27.45
C PHE A 328 22.52 5.48 28.95
N MET A 329 23.23 4.66 29.74
CA MET A 329 23.17 4.74 31.21
C MET A 329 23.66 6.09 31.71
N LYS A 330 24.59 6.71 30.97
CA LYS A 330 25.10 8.05 31.28
C LYS A 330 24.12 9.20 30.96
N GLY A 331 22.94 8.89 30.42
CA GLY A 331 21.87 9.88 30.19
C GLY A 331 20.88 10.03 31.34
N GLY A 332 21.22 9.47 32.50
CA GLY A 332 20.37 9.59 33.67
C GLY A 332 20.86 8.86 34.90
N LYS A 333 20.02 8.87 35.92
CA LYS A 333 20.32 8.26 37.20
C LYS A 333 19.90 6.80 37.13
N VAL A 334 20.79 5.87 37.48
CA VAL A 334 20.41 4.43 37.50
C VAL A 334 19.62 4.18 38.78
N ALA A 335 18.29 4.19 38.64
CA ALA A 335 17.38 4.02 39.75
C ALA A 335 17.31 2.55 40.13
N VAL A 336 17.03 1.70 39.14
CA VAL A 336 16.98 0.25 39.31
C VAL A 336 17.94 -0.37 38.32
N GLY A 337 18.71 -1.35 38.78
CA GLY A 337 19.58 -2.16 37.92
C GLY A 337 20.96 -1.56 37.73
N GLY A 338 21.44 -1.62 36.48
CA GLY A 338 22.73 -1.06 36.08
C GLY A 338 23.77 -2.07 35.68
N GLU A 339 23.47 -3.36 35.83
CA GLU A 339 24.50 -4.40 35.84
C GLU A 339 24.71 -5.02 34.46
N ALA A 340 25.99 -5.21 34.15
CA ALA A 340 26.45 -5.66 32.87
C ALA A 340 27.69 -6.52 32.97
N ASP A 341 27.89 -7.34 31.93
CA ASP A 341 29.11 -8.08 31.70
C ASP A 341 29.40 -8.12 30.18
N GLU A 342 30.62 -7.72 29.79
CA GLU A 342 30.96 -7.53 28.37
C GLU A 342 31.16 -8.80 27.55
N ALA A 343 31.89 -9.75 28.11
CA ALA A 343 32.21 -11.01 27.42
C ALA A 343 31.01 -11.91 27.08
N THR A 344 29.92 -11.82 27.86
CA THR A 344 28.66 -12.54 27.54
C THR A 344 27.54 -11.61 27.04
N LEU A 345 27.88 -10.36 26.76
CA LEU A 345 26.97 -9.35 26.21
C LEU A 345 25.65 -9.33 26.97
N THR A 346 25.79 -9.31 28.30
CA THR A 346 24.67 -9.35 29.23
C THR A 346 24.51 -7.96 29.82
N ILE A 347 23.32 -7.38 29.66
CA ILE A 347 22.92 -6.13 30.31
C ILE A 347 21.54 -6.40 30.89
N ALA A 348 21.44 -6.36 32.22
CA ALA A 348 20.18 -6.59 32.90
C ALA A 348 19.30 -5.37 32.74
N PRO A 349 17.96 -5.54 32.82
CA PRO A 349 17.05 -4.39 32.67
C PRO A 349 17.38 -3.26 33.65
N THR A 350 17.42 -2.04 33.13
CA THR A 350 17.83 -0.87 33.90
C THR A 350 16.79 0.24 33.74
N ILE A 351 16.38 0.81 34.88
CA ILE A 351 15.44 1.89 34.91
C ILE A 351 16.20 3.18 35.24
N LEU A 352 16.07 4.18 34.36
CA LEU A 352 16.74 5.45 34.51
C LEU A 352 15.75 6.56 34.80
N THR A 353 16.11 7.42 35.75
CA THR A 353 15.34 8.58 36.14
C THR A 353 16.19 9.84 35.93
N ASN A 354 15.56 11.00 36.12
CA ASN A 354 16.17 12.31 35.89
C ASN A 354 16.80 12.36 34.50
N ILE A 355 15.98 12.08 33.50
CA ILE A 355 16.43 12.00 32.11
C ILE A 355 16.57 13.36 31.48
N ASP A 356 17.73 13.60 30.89
CA ASP A 356 17.92 14.72 29.94
C ASP A 356 17.19 14.33 28.66
N PRO A 357 16.04 14.97 28.34
CA PRO A 357 15.21 14.46 27.26
C PRO A 357 15.82 14.62 25.86
N THR A 358 16.84 15.48 25.77
CA THR A 358 17.64 15.67 24.56
C THR A 358 18.81 14.66 24.43
N HIS A 359 19.01 13.75 25.41
CA HIS A 359 20.12 12.77 25.36
C HIS A 359 19.77 11.67 24.34
N PRO A 360 20.74 11.17 23.55
CA PRO A 360 20.51 10.06 22.63
C PRO A 360 19.60 8.90 23.09
N VAL A 361 19.66 8.52 24.37
CA VAL A 361 18.77 7.49 24.95
C VAL A 361 17.30 7.77 24.76
N MET A 362 16.94 9.06 24.70
CA MET A 362 15.56 9.47 24.47
C MET A 362 15.26 10.09 23.08
N GLN A 363 16.19 9.92 22.13
CA GLN A 363 16.03 10.38 20.74
C GLN A 363 15.96 9.20 19.73
N GLU A 364 16.71 8.14 19.99
CA GLU A 364 16.81 6.98 19.11
C GLU A 364 16.16 5.77 19.78
N GLU A 365 15.80 4.78 18.97
CA GLU A 365 15.21 3.54 19.50
C GLU A 365 16.25 2.77 20.31
N ILE A 366 15.84 2.32 21.49
CA ILE A 366 16.80 1.73 22.45
C ILE A 366 17.14 0.29 22.03
N PHE A 367 16.09 -0.50 21.89
CA PHE A 367 16.19 -1.87 21.39
C PHE A 367 17.14 -2.68 22.29
N GLY A 368 16.86 -2.58 23.58
CA GLY A 368 17.75 -3.08 24.63
C GLY A 368 17.10 -2.97 25.98
N PRO A 369 17.82 -3.32 27.04
CA PRO A 369 17.19 -3.43 28.37
C PRO A 369 17.05 -2.10 29.15
N ILE A 370 17.53 -0.99 28.58
CA ILE A 370 17.42 0.36 29.16
C ILE A 370 15.98 0.89 29.08
N LEU A 371 15.40 1.30 30.20
CA LEU A 371 14.04 1.86 30.24
C LEU A 371 14.03 3.22 30.97
N PRO A 372 14.03 4.34 30.19
CA PRO A 372 13.85 5.66 30.82
C PRO A 372 12.43 5.87 31.35
N VAL A 373 12.31 6.64 32.43
CA VAL A 373 11.03 6.97 33.06
C VAL A 373 10.92 8.49 33.15
N LEU A 374 9.95 9.06 32.43
CA LEU A 374 9.68 10.50 32.40
C LEU A 374 8.35 10.74 33.05
N THR A 375 8.15 11.94 33.59
CA THR A 375 6.85 12.28 34.20
C THR A 375 6.06 13.30 33.40
N TYR A 376 4.77 13.39 33.74
CA TYR A 376 3.84 14.35 33.14
C TYR A 376 2.88 14.86 34.20
N GLU A 377 2.65 16.18 34.22
CA GLU A 377 1.65 16.80 35.11
C GLU A 377 0.25 16.78 34.46
N ASN A 378 0.18 17.05 33.15
CA ASN A 378 -1.10 17.05 32.39
C ASN A 378 -0.93 16.45 31.01
N GLU A 379 -2.07 16.16 30.38
CA GLU A 379 -2.09 15.45 29.10
C GLU A 379 -1.22 16.06 28.00
N LYS A 380 -1.09 17.38 27.98
CA LYS A 380 -0.32 18.08 26.93
C LYS A 380 1.19 17.84 27.01
N ASP A 381 1.72 17.58 28.22
CA ASP A 381 3.11 17.17 28.41
C ASP A 381 3.33 15.79 27.83
N ILE A 382 2.29 14.94 27.81
CA ILE A 382 2.36 13.63 27.18
C ILE A 382 2.45 13.84 25.68
N LEU A 383 1.62 14.73 25.17
CA LEU A 383 1.48 14.94 23.72
C LEU A 383 2.74 15.56 23.14
N LYS A 384 3.37 16.54 23.82
CA LYS A 384 4.65 17.09 23.29
C LYS A 384 5.82 16.13 23.37
N ILE A 385 5.75 15.13 24.27
CA ILE A 385 6.78 14.12 24.34
C ILE A 385 6.60 13.18 23.14
N ILE A 386 5.39 12.62 23.01
CA ILE A 386 5.12 11.56 22.05
C ILE A 386 5.08 12.12 20.61
N ASN A 387 4.35 13.20 20.39
CA ASN A 387 4.16 13.76 19.03
C ASN A 387 5.35 14.59 18.50
N SER A 388 6.32 14.93 19.35
CA SER A 388 7.58 15.56 18.87
C SER A 388 8.51 14.54 18.22
N ARG A 389 8.22 13.25 18.41
CA ARG A 389 8.99 12.15 17.84
C ARG A 389 8.23 11.42 16.74
N GLU A 390 8.97 10.57 16.01
CA GLU A 390 8.38 9.71 15.01
C GLU A 390 7.24 8.84 15.54
N LYS A 391 6.30 8.56 14.65
CA LYS A 391 5.16 7.72 14.96
C LYS A 391 5.69 6.32 15.27
N PRO A 392 5.34 5.78 16.47
CA PRO A 392 5.91 4.54 16.86
C PRO A 392 5.03 3.40 16.44
N LEU A 393 5.66 2.23 16.32
CA LEU A 393 4.96 0.98 16.08
C LEU A 393 3.86 0.66 17.08
N ALA A 394 4.13 0.90 18.38
CA ALA A 394 3.17 0.56 19.44
C ALA A 394 3.03 1.69 20.41
N LEU A 395 1.82 1.85 20.93
CA LEU A 395 1.56 2.82 21.98
C LEU A 395 0.76 2.09 23.02
N TYR A 396 1.16 2.28 24.26
CA TYR A 396 0.56 1.59 25.40
C TYR A 396 0.04 2.60 26.41
N VAL A 397 -1.14 2.33 26.95
CA VAL A 397 -1.74 3.18 27.97
C VAL A 397 -2.18 2.30 29.13
N PHE A 398 -1.64 2.55 30.32
CA PHE A 398 -2.14 1.92 31.55
C PHE A 398 -3.08 2.88 32.25
N SER A 399 -4.35 2.51 32.32
CA SER A 399 -5.39 3.38 32.88
C SER A 399 -6.74 2.67 33.03
N ASN A 400 -7.50 3.15 34.02
CA ASN A 400 -8.88 2.76 34.30
C ASN A 400 -9.87 3.90 33.97
N ASN A 401 -9.37 5.05 33.51
CA ASN A 401 -10.26 6.16 33.14
C ASN A 401 -10.56 6.20 31.63
N LYS A 402 -11.86 6.07 31.32
CA LYS A 402 -12.32 5.99 29.93
C LYS A 402 -12.07 7.30 29.16
N ARG A 403 -12.18 8.45 29.84
CA ARG A 403 -11.85 9.76 29.25
C ARG A 403 -10.38 9.93 28.93
N PHE A 404 -9.51 9.62 29.89
CA PHE A 404 -8.04 9.74 29.69
C PHE A 404 -7.50 8.84 28.58
N ILE A 405 -8.03 7.63 28.44
CA ILE A 405 -7.61 6.69 27.37
C ILE A 405 -8.03 7.22 26.02
N ARG A 406 -9.32 7.54 25.87
CA ARG A 406 -9.89 8.05 24.60
C ARG A 406 -9.20 9.33 24.14
N GLY A 407 -8.85 10.20 25.08
CA GLY A 407 -8.14 11.43 24.80
C GLY A 407 -6.72 11.22 24.29
N VAL A 408 -6.03 10.20 24.79
CA VAL A 408 -4.68 9.87 24.32
C VAL A 408 -4.70 9.17 22.95
N GLU A 409 -5.67 8.29 22.75
CA GLU A 409 -5.85 7.63 21.45
C GLU A 409 -6.06 8.68 20.36
N SER A 410 -7.12 9.48 20.50
CA SER A 410 -7.45 10.54 19.54
C SER A 410 -6.28 11.49 19.19
N ARG A 411 -5.48 11.87 20.19
CA ARG A 411 -4.42 12.89 19.99
C ARG A 411 -3.01 12.37 19.61
N THR A 412 -2.86 11.08 19.34
CA THR A 412 -1.55 10.50 18.94
C THR A 412 -1.73 9.55 17.77
N SER A 413 -0.65 9.29 17.04
CA SER A 413 -0.65 8.33 15.93
C SER A 413 0.41 7.28 16.17
N SER A 414 0.03 6.01 15.99
CA SER A 414 0.94 4.87 16.19
C SER A 414 0.47 3.64 15.45
N GLY A 415 1.35 2.68 15.24
CA GLY A 415 0.97 1.41 14.60
C GLY A 415 -0.19 0.65 15.26
N ALA A 416 -0.16 0.55 16.58
CA ALA A 416 -1.26 -0.08 17.35
C ALA A 416 -1.38 0.60 18.71
N VAL A 417 -2.55 0.57 19.34
CA VAL A 417 -2.71 0.96 20.73
C VAL A 417 -3.04 -0.30 21.48
N VAL A 418 -2.54 -0.42 22.71
CA VAL A 418 -3.01 -1.41 23.67
C VAL A 418 -3.22 -0.70 25.00
N VAL A 419 -4.39 -0.94 25.57
CA VAL A 419 -4.76 -0.46 26.89
C VAL A 419 -4.58 -1.60 27.90
N ASN A 420 -3.73 -1.35 28.91
CA ASN A 420 -3.51 -2.21 30.12
C ASN A 420 -2.62 -3.45 29.92
N ASP A 421 -1.86 -3.53 28.84
CA ASP A 421 -0.86 -4.59 28.63
C ASP A 421 0.15 -4.13 27.57
N VAL A 422 1.14 -4.97 27.24
CA VAL A 422 2.11 -4.70 26.17
C VAL A 422 2.36 -5.94 25.31
N VAL A 423 2.73 -5.73 24.03
CA VAL A 423 3.26 -6.78 23.15
C VAL A 423 2.18 -7.72 22.59
N VAL A 424 1.30 -8.24 23.44
CA VAL A 424 0.34 -9.32 23.05
C VAL A 424 -0.60 -9.05 21.89
N HIS A 425 -0.86 -7.78 21.56
CA HIS A 425 -1.65 -7.43 20.38
C HIS A 425 -1.07 -8.07 19.12
N ALA A 426 0.26 -8.15 19.06
CA ALA A 426 1.00 -8.73 17.97
C ALA A 426 0.69 -10.21 17.69
N GLY A 427 0.30 -10.94 18.71
CA GLY A 427 -0.10 -12.34 18.56
C GLY A 427 -1.60 -12.53 18.37
N ALA A 428 -2.35 -11.43 18.36
CA ALA A 428 -3.82 -11.48 18.44
C ALA A 428 -4.42 -11.79 17.08
N ASP A 429 -5.26 -12.81 17.05
CA ASP A 429 -5.82 -13.29 15.79
C ASP A 429 -6.97 -12.36 15.42
N GLY A 430 -6.85 -11.71 14.25
CA GLY A 430 -7.84 -10.79 13.71
C GLY A 430 -7.48 -9.31 13.73
N LEU A 431 -6.24 -8.96 14.06
CA LEU A 431 -5.75 -7.57 13.98
C LEU A 431 -4.64 -7.51 12.94
N PRO A 432 -4.58 -6.42 12.15
CA PRO A 432 -3.37 -6.27 11.34
C PRO A 432 -2.19 -5.80 12.19
N PHE A 433 -0.99 -6.17 11.76
CA PHE A 433 0.23 -5.81 12.45
C PHE A 433 1.06 -5.04 11.46
N GLY A 434 1.42 -3.83 11.85
CA GLY A 434 2.14 -2.93 10.99
C GLY A 434 2.31 -1.55 11.60
N GLY A 435 3.20 -0.78 10.99
CA GLY A 435 3.52 0.56 11.42
C GLY A 435 2.81 1.66 10.69
N VAL A 436 3.31 2.88 10.89
CA VAL A 436 2.86 4.11 10.19
C VAL A 436 3.99 5.15 10.33
N GLY A 437 4.14 6.08 9.38
CA GLY A 437 5.33 6.96 9.35
C GLY A 437 6.58 6.12 9.35
N ARG A 438 7.56 6.48 10.18
CA ARG A 438 8.83 5.73 10.21
C ARG A 438 8.83 4.43 10.98
N SER A 439 7.71 4.10 11.65
CA SER A 439 7.42 2.72 12.06
C SER A 439 6.96 1.75 10.93
N GLY A 440 6.55 2.30 9.79
CA GLY A 440 6.42 1.49 8.56
C GLY A 440 5.19 1.76 7.73
N MET A 441 4.99 0.94 6.71
CA MET A 441 3.76 1.00 5.91
C MET A 441 3.28 -0.40 5.56
N GLY A 442 1.96 -0.56 5.49
CA GLY A 442 1.36 -1.86 5.29
C GLY A 442 1.22 -2.62 6.58
N ALA A 443 0.52 -3.75 6.49
CA ALA A 443 0.24 -4.61 7.61
C ALA A 443 0.06 -6.06 7.13
N TYR A 444 0.24 -7.00 8.05
CA TYR A 444 0.09 -8.41 7.77
C TYR A 444 -0.33 -9.18 9.02
N HIS A 445 -0.33 -10.51 8.93
CA HIS A 445 -0.97 -11.49 9.82
C HIS A 445 -2.35 -11.90 9.29
N GLY A 446 -2.53 -13.19 9.02
CA GLY A 446 -3.86 -13.79 8.81
C GLY A 446 -4.53 -13.30 7.54
N ARG A 447 -5.76 -12.81 7.65
CA ARG A 447 -6.43 -12.11 6.55
C ARG A 447 -5.62 -10.97 5.94
N TYR A 448 -4.81 -10.29 6.74
CA TYR A 448 -4.13 -9.06 6.33
C TYR A 448 -2.82 -9.36 5.59
N SER A 449 -2.22 -10.50 5.87
CA SER A 449 -1.16 -10.99 5.02
C SER A 449 -1.73 -11.42 3.67
N PHE A 450 -2.85 -12.15 3.65
CA PHE A 450 -3.51 -12.55 2.40
C PHE A 450 -3.92 -11.36 1.58
N GLU A 451 -4.48 -10.33 2.23
CA GLU A 451 -4.86 -9.08 1.53
C GLU A 451 -3.63 -8.32 0.98
N THR A 452 -2.57 -8.27 1.76
CA THR A 452 -1.27 -7.62 1.37
C THR A 452 -0.60 -8.30 0.17
N PHE A 453 -0.63 -9.62 0.12
CA PHE A 453 0.01 -10.39 -0.93
C PHE A 453 -0.96 -10.75 -2.12
N SER A 454 -1.99 -9.90 -2.30
CA SER A 454 -3.03 -10.10 -3.32
C SER A 454 -3.38 -8.77 -4.00
N HIS A 455 -3.79 -8.87 -5.25
CA HIS A 455 -4.35 -7.78 -6.00
C HIS A 455 -5.85 -7.95 -5.95
N ARG A 456 -6.50 -6.96 -5.33
CA ARG A 456 -7.95 -6.86 -5.38
C ARG A 456 -8.35 -6.31 -6.78
N ARG A 457 -9.01 -7.15 -7.58
CA ARG A 457 -9.35 -6.85 -8.98
C ARG A 457 -10.85 -6.61 -9.15
N PRO A 458 -11.25 -5.36 -9.43
CA PRO A 458 -12.62 -5.09 -9.83
C PRO A 458 -13.02 -5.69 -11.20
N VAL A 459 -14.23 -6.22 -11.25
CA VAL A 459 -14.80 -6.85 -12.41
C VAL A 459 -16.23 -6.32 -12.50
N MET A 460 -16.59 -5.73 -13.66
CA MET A 460 -17.94 -5.24 -13.94
C MET A 460 -18.47 -6.06 -15.11
N ARG A 461 -19.70 -6.58 -14.95
CA ARG A 461 -20.37 -7.27 -16.06
C ARG A 461 -21.57 -6.43 -16.48
N ARG A 462 -21.64 -6.11 -17.78
CA ARG A 462 -22.79 -5.45 -18.39
C ARG A 462 -23.37 -6.31 -19.50
N GLY A 463 -24.63 -6.02 -19.84
CA GLY A 463 -25.32 -6.62 -20.99
C GLY A 463 -25.25 -5.70 -22.18
N PHE A 464 -25.87 -6.09 -23.28
CA PHE A 464 -25.89 -5.26 -24.50
C PHE A 464 -27.13 -4.36 -24.66
N LEU A 465 -27.99 -4.32 -23.63
CA LEU A 465 -29.29 -3.62 -23.71
C LEU A 465 -29.14 -2.15 -23.25
N PHE A 466 -30.18 -1.35 -23.51
CA PHE A 466 -30.16 0.10 -23.19
C PHE A 466 -30.10 0.35 -21.68
N SER A 467 -29.39 1.42 -21.29
CA SER A 467 -29.27 1.82 -19.88
C SER A 467 -29.07 3.34 -19.75
N SER A 468 -29.24 3.85 -18.52
CA SER A 468 -29.22 5.30 -18.22
C SER A 468 -28.13 6.09 -18.96
N ILE A 469 -26.91 5.55 -18.91
CA ILE A 469 -25.71 6.21 -19.45
C ILE A 469 -25.73 6.50 -20.96
N ASP A 470 -26.41 5.67 -21.74
CA ASP A 470 -26.44 5.81 -23.20
C ASP A 470 -27.16 7.05 -23.74
N THR A 471 -27.95 7.72 -22.90
CA THR A 471 -28.61 8.99 -23.28
C THR A 471 -27.65 10.16 -23.46
N VAL A 472 -26.45 10.09 -22.88
CA VAL A 472 -25.50 11.23 -22.88
C VAL A 472 -24.07 10.97 -23.38
N ARG A 473 -23.64 9.71 -23.51
CA ARG A 473 -22.22 9.44 -23.79
C ARG A 473 -21.80 9.63 -25.26
N PHE A 474 -22.56 9.07 -26.20
CA PHE A 474 -22.11 8.94 -27.60
C PHE A 474 -22.19 10.25 -28.41
N PRO A 475 -21.06 10.68 -29.01
CA PRO A 475 -21.15 11.79 -29.97
C PRO A 475 -21.91 11.39 -31.27
N PRO A 476 -22.32 12.33 -32.12
CA PRO A 476 -21.94 13.75 -32.08
C PRO A 476 -22.62 14.52 -30.96
N TYR A 477 -22.01 15.64 -30.59
CA TYR A 477 -22.48 16.47 -29.48
C TYR A 477 -23.56 17.45 -29.93
N THR A 478 -24.79 16.95 -30.00
CA THR A 478 -25.94 17.72 -30.46
C THR A 478 -26.36 18.79 -29.44
N THR A 479 -27.18 19.75 -29.87
CA THR A 479 -27.76 20.76 -28.96
C THR A 479 -28.76 20.09 -28.00
N ALA A 480 -29.46 19.06 -28.48
CA ALA A 480 -30.34 18.25 -27.63
C ALA A 480 -29.59 17.50 -26.51
N LYS A 481 -28.38 17.04 -26.81
CA LYS A 481 -27.50 16.39 -25.83
C LYS A 481 -26.97 17.40 -24.78
N SER A 482 -26.71 18.64 -25.22
CA SER A 482 -26.30 19.72 -24.32
C SER A 482 -27.40 20.15 -23.33
N ARG A 483 -28.64 20.26 -23.81
CA ARG A 483 -29.77 20.67 -22.96
C ARG A 483 -30.13 19.62 -21.90
N VAL A 484 -29.94 18.33 -22.22
CA VAL A 484 -30.07 17.21 -21.24
C VAL A 484 -29.01 17.29 -20.12
N LEU A 485 -27.76 17.57 -20.50
CA LEU A 485 -26.64 17.68 -19.54
C LEU A 485 -26.68 18.96 -18.74
N ASN A 486 -27.10 20.05 -19.36
CA ASN A 486 -27.32 21.31 -18.65
C ASN A 486 -28.38 21.15 -17.55
N SER A 487 -29.49 20.49 -17.88
CA SER A 487 -30.56 20.24 -16.92
C SER A 487 -30.12 19.45 -15.66
N LEU A 488 -29.07 18.64 -15.78
CA LEU A 488 -28.47 17.96 -14.61
C LEU A 488 -27.64 18.91 -13.73
N LEU A 489 -26.98 19.89 -14.35
CA LEU A 489 -26.16 20.86 -13.62
C LEU A 489 -27.02 21.98 -13.04
N ALA B 6 -1.47 35.94 -19.67
CA ALA B 6 -2.54 34.87 -19.76
C ALA B 6 -2.00 33.61 -20.46
N GLY B 7 -2.77 32.53 -20.39
CA GLY B 7 -2.36 31.23 -20.95
C GLY B 7 -1.92 30.19 -19.91
N VAL B 8 -1.00 30.60 -19.02
CA VAL B 8 -0.27 29.72 -18.09
C VAL B 8 -0.24 30.26 -16.65
N PRO B 9 0.01 29.37 -15.67
CA PRO B 9 0.26 29.84 -14.32
C PRO B 9 1.72 30.29 -14.13
N GLU B 10 1.96 31.01 -13.05
CA GLU B 10 3.30 31.45 -12.66
C GLU B 10 4.00 30.21 -12.12
N ASN B 11 5.23 29.95 -12.59
CA ASN B 11 6.07 28.88 -12.02
C ASN B 11 6.41 29.24 -10.56
N THR B 12 6.05 28.35 -9.63
CA THR B 12 6.34 28.52 -8.20
C THR B 12 7.84 28.61 -7.98
N SER B 13 8.27 29.61 -7.21
CA SER B 13 9.70 29.78 -6.88
C SER B 13 10.17 28.66 -5.98
N LEU B 14 11.38 28.17 -6.19
CA LEU B 14 11.96 27.08 -5.38
C LEU B 14 12.07 27.45 -3.88
N GLU B 15 12.39 28.70 -3.58
CA GLU B 15 12.40 29.25 -2.21
C GLU B 15 11.05 29.12 -1.48
N ASN B 16 9.94 29.27 -2.22
CA ASN B 16 8.56 29.18 -1.68
C ASN B 16 8.01 27.76 -1.56
N ILE B 17 8.65 26.78 -2.19
CA ILE B 17 8.11 25.43 -2.20
C ILE B 17 8.17 24.78 -0.80
N PRO B 18 9.29 24.91 -0.06
CA PRO B 18 9.30 24.48 1.35
C PRO B 18 8.34 25.30 2.23
N VAL B 19 8.25 26.61 1.98
CA VAL B 19 7.33 27.48 2.72
C VAL B 19 5.90 26.93 2.59
N ILE B 20 5.47 26.64 1.35
CA ILE B 20 4.11 26.14 1.09
C ILE B 20 3.82 24.81 1.81
N VAL B 21 4.79 23.88 1.81
CA VAL B 21 4.62 22.57 2.46
C VAL B 21 4.68 22.72 3.98
N SER B 22 5.65 23.49 4.47
CA SER B 22 5.73 23.81 5.89
C SER B 22 4.45 24.46 6.44
N LYS B 23 3.73 25.25 5.65
CA LYS B 23 2.47 25.87 6.11
C LYS B 23 1.30 24.87 6.26
N CYS B 24 1.25 23.87 5.37
CA CYS B 24 0.22 22.81 5.37
C CYS B 24 0.48 21.79 6.47
N ARG B 25 1.75 21.55 6.73
CA ARG B 25 2.22 20.74 7.87
C ARG B 25 1.66 21.31 9.19
N GLU B 26 1.86 22.61 9.40
CA GLU B 26 1.42 23.29 10.60
C GLU B 26 -0.08 23.25 10.73
N ALA B 27 -0.76 23.59 9.65
CA ALA B 27 -2.20 23.44 9.51
C ALA B 27 -2.74 22.07 9.97
N PHE B 28 -2.23 20.99 9.35
CA PHE B 28 -2.59 19.63 9.76
C PHE B 28 -2.34 19.46 11.27
N ASN B 29 -1.14 19.85 11.70
CA ASN B 29 -0.69 19.76 13.10
C ASN B 29 -1.59 20.57 14.05
N ASP B 30 -2.13 21.70 13.56
CA ASP B 30 -3.02 22.56 14.33
C ASP B 30 -4.51 22.17 14.22
N ASP B 31 -4.79 20.94 13.79
CA ASP B 31 -6.15 20.43 13.58
C ASP B 31 -7.02 21.22 12.55
N ALA B 32 -6.40 21.80 11.53
CA ALA B 32 -7.14 22.53 10.44
C ALA B 32 -8.26 21.76 9.73
N ASN B 33 -8.14 20.44 9.64
CA ASN B 33 -9.10 19.57 8.91
C ASN B 33 -9.43 18.26 9.63
N ARG B 34 -9.36 18.24 10.98
CA ARG B 34 -9.55 17.04 11.79
C ARG B 34 -11.02 16.76 12.03
N ASP B 35 -11.72 17.73 12.63
N ASP B 35 -11.72 17.73 12.65
CA ASP B 35 -13.13 17.65 12.97
CA ASP B 35 -13.14 17.60 12.99
C ASP B 35 -14.02 17.48 11.72
C ASP B 35 -14.00 17.44 11.74
N LEU B 36 -15.07 16.68 11.87
CA LEU B 36 -15.98 16.33 10.75
C LEU B 36 -16.77 17.52 10.17
N LYS B 37 -17.14 18.49 11.02
CA LYS B 37 -17.72 19.73 10.55
C LYS B 37 -16.81 20.41 9.52
N LYS B 38 -15.51 20.50 9.83
CA LYS B 38 -14.55 21.18 8.99
C LYS B 38 -14.28 20.49 7.64
N ARG B 39 -14.20 19.18 7.65
CA ARG B 39 -14.01 18.43 6.43
C ARG B 39 -15.18 18.62 5.44
N LYS B 40 -16.42 18.60 5.97
CA LYS B 40 -17.63 18.76 5.18
C LYS B 40 -17.83 20.17 4.58
N GLN B 41 -17.48 21.20 5.36
CA GLN B 41 -17.39 22.58 4.84
C GLN B 41 -16.46 22.63 3.64
N VAL B 42 -15.26 22.08 3.81
CA VAL B 42 -14.21 22.13 2.81
C VAL B 42 -14.62 21.32 1.58
N LEU B 43 -15.19 20.13 1.76
CA LEU B 43 -15.75 19.35 0.66
C LEU B 43 -16.93 20.08 -0.01
N ARG B 44 -17.75 20.81 0.76
CA ARG B 44 -18.79 21.69 0.19
C ARG B 44 -18.23 22.89 -0.59
N SER B 45 -17.17 23.52 -0.08
CA SER B 45 -16.52 24.63 -0.79
C SER B 45 -15.89 24.18 -2.12
N LEU B 46 -15.50 22.91 -2.24
CA LEU B 46 -14.97 22.35 -3.47
C LEU B 46 -16.07 21.91 -4.45
N LEU B 47 -17.24 21.55 -3.90
CA LEU B 47 -18.46 21.45 -4.70
C LEU B 47 -18.84 22.80 -5.32
N ASN B 48 -18.81 23.87 -4.54
CA ASN B 48 -19.06 25.22 -5.07
C ASN B 48 -18.05 25.64 -6.14
N LEU B 49 -16.76 25.48 -5.85
CA LEU B 49 -15.71 25.69 -6.84
C LEU B 49 -16.06 25.09 -8.20
N VAL B 50 -16.52 23.83 -8.20
CA VAL B 50 -16.80 23.09 -9.42
C VAL B 50 -18.14 23.54 -10.03
N GLU B 51 -19.19 23.57 -9.22
CA GLU B 51 -20.54 23.94 -9.69
C GLU B 51 -20.65 25.37 -10.22
N GLU B 52 -20.05 26.34 -9.53
CA GLU B 52 -20.22 27.76 -9.86
C GLU B 52 -19.36 28.20 -11.06
N ASN B 53 -18.32 27.44 -11.38
CA ASN B 53 -17.35 27.75 -12.43
C ASN B 53 -17.25 26.62 -13.49
N THR B 54 -18.26 25.77 -13.57
CA THR B 54 -18.33 24.67 -14.56
C THR B 54 -18.09 25.19 -15.97
N ASP B 55 -18.79 26.28 -16.32
CA ASP B 55 -18.60 26.99 -17.58
C ASP B 55 -17.12 27.35 -17.87
N GLU B 56 -16.52 28.14 -16.97
N GLU B 56 -16.52 28.09 -16.95
CA GLU B 56 -15.13 28.58 -17.13
CA GLU B 56 -15.15 28.56 -17.15
C GLU B 56 -14.13 27.42 -17.27
C GLU B 56 -14.13 27.42 -17.26
N PHE B 57 -14.33 26.37 -16.47
CA PHE B 57 -13.49 25.17 -16.51
C PHE B 57 -13.64 24.42 -17.83
N CYS B 58 -14.87 24.26 -18.29
CA CYS B 58 -15.11 23.70 -19.65
C CYS B 58 -14.38 24.50 -20.75
N LYS B 59 -14.46 25.82 -20.69
CA LYS B 59 -13.73 26.72 -21.62
C LYS B 59 -12.17 26.55 -21.53
N ALA B 60 -11.66 26.41 -20.31
CA ALA B 60 -10.23 26.21 -20.05
C ALA B 60 -9.76 24.86 -20.58
N ILE B 61 -10.53 23.81 -20.24
CA ILE B 61 -10.24 22.45 -20.67
C ILE B 61 -10.38 22.30 -22.20
N HIS B 62 -11.22 23.14 -22.84
CA HIS B 62 -11.26 23.22 -24.31
C HIS B 62 -9.98 23.81 -24.94
N ARG B 63 -9.49 24.92 -24.43
CA ARG B 63 -8.24 25.52 -24.89
C ARG B 63 -7.03 24.56 -24.76
N ASP B 64 -6.96 23.79 -23.67
CA ASP B 64 -5.89 22.80 -23.49
C ASP B 64 -6.07 21.53 -24.33
N ARG B 65 -7.25 20.93 -24.19
CA ARG B 65 -7.58 19.65 -24.82
C ARG B 65 -8.40 19.67 -26.11
N ARG B 66 -9.05 20.79 -26.39
CA ARG B 66 -9.97 20.86 -27.52
C ARG B 66 -11.05 19.82 -27.34
N ARG B 67 -11.52 19.68 -26.11
CA ARG B 67 -12.62 18.76 -25.78
C ARG B 67 -13.92 19.54 -25.73
N HIS B 68 -15.03 18.88 -26.04
CA HIS B 68 -16.31 19.55 -26.12
C HIS B 68 -16.81 19.59 -24.72
N ARG B 69 -17.63 20.59 -24.43
CA ARG B 69 -18.19 20.83 -23.09
C ARG B 69 -18.96 19.62 -22.57
N ASP B 70 -19.73 18.97 -23.44
CA ASP B 70 -20.49 17.77 -23.07
C ASP B 70 -19.59 16.56 -22.80
N GLU B 71 -18.50 16.42 -23.56
CA GLU B 71 -17.48 15.39 -23.31
C GLU B 71 -16.88 15.63 -21.91
N THR B 72 -16.55 16.88 -21.63
CA THR B 72 -15.96 17.26 -20.36
C THR B 72 -16.93 17.06 -19.18
N VAL B 73 -18.17 17.48 -19.33
CA VAL B 73 -19.23 17.27 -18.33
C VAL B 73 -19.39 15.79 -17.90
N VAL B 74 -19.53 14.92 -18.90
CA VAL B 74 -19.62 13.47 -18.65
C VAL B 74 -18.36 12.88 -18.01
N MET B 75 -17.18 13.25 -18.50
CA MET B 75 -15.91 12.62 -18.08
C MET B 75 -15.24 13.21 -16.82
N GLU B 76 -15.56 14.45 -16.46
CA GLU B 76 -14.85 15.20 -15.39
C GLU B 76 -15.79 15.91 -14.44
N ILE B 77 -16.62 16.80 -14.95
CA ILE B 77 -17.51 17.59 -14.08
C ILE B 77 -18.44 16.72 -13.23
N LEU B 78 -19.24 15.86 -13.83
CA LEU B 78 -20.26 15.09 -13.07
C LEU B 78 -19.66 14.00 -12.18
N PRO B 79 -18.59 13.29 -12.64
CA PRO B 79 -17.87 12.37 -11.73
C PRO B 79 -17.28 13.03 -10.46
N LEU B 80 -16.82 14.29 -10.59
CA LEU B 80 -16.35 15.09 -9.45
C LEU B 80 -17.46 15.61 -8.56
N ARG B 81 -18.63 15.86 -9.11
CA ARG B 81 -19.79 16.20 -8.30
C ARG B 81 -20.24 14.97 -7.49
N ASN B 82 -20.36 13.82 -8.17
CA ASN B 82 -20.77 12.57 -7.51
C ASN B 82 -19.81 12.13 -6.42
N GLU B 83 -18.51 12.37 -6.61
CA GLU B 83 -17.50 12.09 -5.61
C GLU B 83 -17.67 12.99 -4.39
N VAL B 84 -17.87 14.30 -4.60
CA VAL B 84 -18.12 15.20 -3.45
C VAL B 84 -19.36 14.74 -2.67
N TRP B 85 -20.47 14.50 -3.38
N TRP B 85 -20.45 14.53 -3.39
CA TRP B 85 -21.69 14.00 -2.74
CA TRP B 85 -21.70 13.98 -2.84
C TRP B 85 -21.47 12.72 -1.95
C TRP B 85 -21.47 12.75 -1.99
N HIS B 86 -20.84 11.72 -2.58
CA HIS B 86 -20.62 10.42 -1.91
C HIS B 86 -19.86 10.55 -0.60
N LEU B 87 -18.86 11.43 -0.58
CA LEU B 87 -17.92 11.53 0.55
C LEU B 87 -18.52 12.25 1.76
N ILE B 88 -19.37 13.24 1.50
CA ILE B 88 -20.11 13.96 2.53
C ILE B 88 -21.21 13.02 3.10
N GLU B 89 -21.91 12.31 2.22
CA GLU B 89 -22.99 11.39 2.62
C GLU B 89 -22.52 10.23 3.49
N HIS B 90 -21.34 9.68 3.19
CA HIS B 90 -20.84 8.48 3.87
C HIS B 90 -19.68 8.73 4.83
N MET B 91 -19.36 10.00 5.12
CA MET B 91 -18.22 10.31 6.00
C MET B 91 -18.38 9.76 7.40
N ASP B 92 -19.56 9.97 7.96
CA ASP B 92 -19.89 9.49 9.32
C ASP B 92 -19.87 7.95 9.38
N GLU B 93 -20.14 7.29 8.25
CA GLU B 93 -19.97 5.85 8.14
C GLU B 93 -18.50 5.49 8.17
N TYR B 94 -17.71 6.16 7.32
CA TYR B 94 -16.29 5.87 7.11
C TYR B 94 -15.36 6.17 8.27
N VAL B 95 -15.63 7.22 9.03
CA VAL B 95 -14.80 7.51 10.23
C VAL B 95 -14.89 6.43 11.31
N LYS B 96 -16.04 5.77 11.43
CA LYS B 96 -16.36 4.92 12.55
C LYS B 96 -15.51 3.65 12.67
N PRO B 97 -15.06 3.35 13.90
CA PRO B 97 -14.29 2.13 14.14
C PRO B 97 -14.99 0.82 13.77
N VAL B 98 -14.19 -0.17 13.35
CA VAL B 98 -14.68 -1.49 12.96
C VAL B 98 -14.25 -2.52 13.99
N LYS B 99 -15.18 -3.40 14.34
CA LYS B 99 -14.96 -4.49 15.27
C LYS B 99 -14.47 -5.68 14.45
N PRO B 100 -13.14 -5.96 14.44
CA PRO B 100 -12.68 -7.09 13.63
C PRO B 100 -13.18 -8.39 14.23
N THR B 101 -13.24 -9.47 13.47
CA THR B 101 -13.57 -10.77 14.04
C THR B 101 -12.29 -11.37 14.65
N MET B 102 -12.35 -11.60 15.96
CA MET B 102 -11.21 -12.12 16.70
C MET B 102 -11.39 -13.63 16.89
N GLU B 103 -10.26 -14.32 17.02
CA GLU B 103 -10.27 -15.76 17.27
C GLU B 103 -9.21 -16.07 18.32
N GLY B 104 -9.46 -17.10 19.15
CA GLY B 104 -8.54 -17.43 20.23
C GLY B 104 -8.44 -16.33 21.26
N ALA B 105 -7.37 -16.39 22.05
CA ALA B 105 -7.19 -15.62 23.31
C ALA B 105 -7.72 -14.18 23.33
N ALA B 106 -7.42 -13.43 22.26
CA ALA B 106 -7.76 -12.00 22.17
C ALA B 106 -9.25 -11.71 21.95
N ALA B 107 -10.04 -12.76 21.69
CA ALA B 107 -11.50 -12.67 21.63
C ALA B 107 -12.15 -12.44 23.00
N LEU B 108 -11.39 -12.59 24.09
CA LEU B 108 -11.88 -12.23 25.42
C LEU B 108 -11.74 -10.73 25.70
N ASP B 109 -10.99 -10.03 24.86
CA ASP B 109 -10.67 -8.62 25.05
C ASP B 109 -11.65 -7.75 24.26
N ASP B 110 -11.50 -6.42 24.32
CA ASP B 110 -12.24 -5.48 23.47
C ASP B 110 -11.27 -4.96 22.44
N CYS B 111 -11.54 -5.26 21.18
CA CYS B 111 -10.63 -4.93 20.10
C CYS B 111 -11.30 -4.06 19.03
N GLU B 112 -10.51 -3.25 18.34
CA GLU B 112 -11.07 -2.19 17.47
C GLU B 112 -10.09 -1.75 16.38
N LEU B 113 -10.63 -1.48 15.20
CA LEU B 113 -9.89 -0.85 14.08
C LEU B 113 -10.39 0.59 13.89
N GLN B 114 -9.59 1.57 14.30
CA GLN B 114 -9.91 3.00 14.12
C GLN B 114 -9.24 3.52 12.83
N TYR B 115 -9.83 4.54 12.20
CA TYR B 115 -9.21 5.24 11.10
C TYR B 115 -8.86 6.65 11.54
N GLU B 116 -7.62 7.04 11.21
CA GLU B 116 -7.04 8.30 11.64
C GLU B 116 -6.33 8.86 10.46
N PRO B 117 -6.28 10.20 10.34
CA PRO B 117 -5.52 10.85 9.27
C PRO B 117 -4.03 10.52 9.25
N LEU B 118 -3.37 10.75 8.10
CA LEU B 118 -1.93 10.51 7.96
C LEU B 118 -1.12 11.78 8.10
N GLY B 119 -1.56 12.86 7.45
CA GLY B 119 -0.94 14.17 7.65
C GLY B 119 -1.05 15.06 6.44
N VAL B 120 0.07 15.28 5.77
CA VAL B 120 0.11 16.09 4.53
C VAL B 120 0.27 15.23 3.25
N VAL B 121 -0.71 15.34 2.36
CA VAL B 121 -0.78 14.52 1.16
C VAL B 121 -0.33 15.33 -0.07
N LEU B 122 0.51 14.76 -0.94
CA LEU B 122 0.88 15.37 -2.25
C LEU B 122 0.16 14.69 -3.41
N VAL B 123 -0.49 15.49 -4.25
CA VAL B 123 -1.15 15.00 -5.45
C VAL B 123 -0.40 15.59 -6.59
N ILE B 124 0.08 14.70 -7.44
CA ILE B 124 0.71 15.08 -8.69
C ILE B 124 -0.27 14.64 -9.77
N GLY B 125 -0.53 15.56 -10.71
CA GLY B 125 -1.62 15.38 -11.68
C GLY B 125 -1.07 15.19 -13.08
N THR B 126 -2.00 15.03 -14.01
CA THR B 126 -1.68 14.81 -15.38
C THR B 126 -2.62 15.56 -16.27
N TRP B 127 -2.19 15.68 -17.52
CA TRP B 127 -2.79 16.63 -18.47
C TRP B 127 -4.10 16.21 -19.13
N ASN B 128 -4.34 14.92 -19.33
CA ASN B 128 -5.45 14.47 -20.24
C ASN B 128 -6.90 14.69 -19.77
N TYR B 129 -7.08 14.64 -18.45
CA TYR B 129 -8.30 15.03 -17.76
C TYR B 129 -7.82 15.86 -16.58
N PRO B 130 -7.50 17.14 -16.82
CA PRO B 130 -6.72 17.90 -15.85
C PRO B 130 -7.41 18.26 -14.54
N LEU B 131 -8.71 18.54 -14.58
CA LEU B 131 -9.47 18.83 -13.36
C LEU B 131 -9.77 17.56 -12.53
N LEU B 132 -10.47 16.61 -13.15
CA LEU B 132 -10.78 15.32 -12.56
C LEU B 132 -9.60 14.64 -11.86
N LEU B 133 -8.43 14.64 -12.52
CA LEU B 133 -7.28 13.88 -12.02
C LEU B 133 -6.36 14.67 -11.05
N ILE B 134 -6.78 15.88 -10.67
CA ILE B 134 -6.16 16.70 -9.64
C ILE B 134 -7.10 16.85 -8.42
N LEU B 135 -8.39 17.08 -8.66
CA LEU B 135 -9.38 17.27 -7.60
C LEU B 135 -9.96 15.98 -7.00
N GLN B 136 -10.19 14.94 -7.80
CA GLN B 136 -10.75 13.68 -7.25
C GLN B 136 -9.86 13.03 -6.15
N PRO B 137 -8.53 13.02 -6.36
CA PRO B 137 -7.60 12.68 -5.29
C PRO B 137 -7.71 13.62 -4.08
N LEU B 138 -7.79 14.91 -4.34
CA LEU B 138 -7.88 15.95 -3.33
C LEU B 138 -9.07 15.79 -2.40
N LEU B 139 -10.23 15.50 -2.96
CA LEU B 139 -11.45 15.30 -2.18
C LEU B 139 -11.25 14.15 -1.19
N GLY B 140 -10.52 13.11 -1.61
CA GLY B 140 -10.35 11.91 -0.80
C GLY B 140 -9.38 12.10 0.37
N ALA B 141 -8.23 12.70 0.08
CA ALA B 141 -7.31 13.24 1.07
C ALA B 141 -7.97 14.11 2.15
N LEU B 142 -8.76 15.11 1.76
CA LEU B 142 -9.46 16.01 2.71
C LEU B 142 -10.63 15.36 3.46
N ALA B 143 -11.27 14.38 2.84
CA ALA B 143 -12.32 13.60 3.50
C ALA B 143 -11.76 12.74 4.65
N ALA B 144 -10.49 12.35 4.52
CA ALA B 144 -9.81 11.53 5.54
C ALA B 144 -9.10 12.34 6.64
N GLY B 145 -9.35 13.64 6.69
CA GLY B 145 -8.72 14.55 7.64
C GLY B 145 -7.27 14.94 7.34
N ASN B 146 -6.80 14.76 6.12
CA ASN B 146 -5.46 15.28 5.76
C ASN B 146 -5.56 16.74 5.33
N THR B 147 -4.41 17.42 5.36
CA THR B 147 -4.21 18.64 4.57
C THR B 147 -3.43 18.21 3.31
N ALA B 148 -3.36 19.09 2.30
CA ALA B 148 -2.91 18.67 0.95
C ALA B 148 -2.05 19.68 0.16
N VAL B 149 -1.19 19.18 -0.72
CA VAL B 149 -0.50 19.98 -1.72
C VAL B 149 -0.80 19.34 -3.07
N ILE B 150 -1.10 20.17 -4.07
CA ILE B 150 -1.44 19.71 -5.40
C ILE B 150 -0.49 20.27 -6.44
N LYS B 151 -0.13 19.45 -7.42
CA LYS B 151 0.80 19.82 -8.46
C LYS B 151 0.11 19.58 -9.81
N PRO B 152 -0.50 20.61 -10.41
CA PRO B 152 -1.11 20.44 -11.74
C PRO B 152 -0.13 20.16 -12.86
N SER B 153 -0.51 19.27 -13.77
CA SER B 153 0.29 19.09 -14.99
C SER B 153 0.46 20.44 -15.70
N GLU B 154 1.68 20.67 -16.19
CA GLU B 154 2.02 21.87 -16.95
C GLU B 154 1.61 21.75 -18.42
N LEU B 155 1.39 20.50 -18.84
CA LEU B 155 0.86 20.20 -20.16
C LEU B 155 -0.66 20.42 -20.27
N ALA B 156 -1.31 20.98 -19.23
CA ALA B 156 -2.64 21.63 -19.35
C ALA B 156 -2.62 22.99 -18.62
N PRO B 157 -1.89 23.99 -19.18
CA PRO B 157 -1.58 25.23 -18.46
C PRO B 157 -2.81 26.10 -18.17
N ALA B 158 -3.75 26.16 -19.12
CA ALA B 158 -4.94 26.99 -18.92
C ALA B 158 -5.77 26.45 -17.77
N THR B 159 -5.97 25.13 -17.71
CA THR B 159 -6.68 24.52 -16.58
C THR B 159 -5.90 24.70 -15.22
N ALA B 160 -4.57 24.60 -15.26
CA ALA B 160 -3.74 24.92 -14.10
C ALA B 160 -3.87 26.41 -13.70
N GLU B 161 -3.91 27.31 -14.69
CA GLU B 161 -4.03 28.75 -14.43
C GLU B 161 -5.32 29.06 -13.70
N LEU B 162 -6.43 28.63 -14.30
CA LEU B 162 -7.76 28.89 -13.76
C LEU B 162 -7.95 28.33 -12.33
N LEU B 163 -7.59 27.06 -12.13
CA LEU B 163 -7.68 26.44 -10.79
C LEU B 163 -6.82 27.15 -9.72
N THR B 164 -5.62 27.58 -10.10
CA THR B 164 -4.76 28.43 -9.28
C THR B 164 -5.42 29.78 -8.93
N LYS B 165 -6.15 30.32 -9.90
CA LYS B 165 -6.94 31.54 -9.73
C LYS B 165 -8.07 31.26 -8.75
N LEU B 166 -8.85 30.20 -8.98
CA LEU B 166 -10.12 30.01 -8.24
C LEU B 166 -10.03 29.22 -6.93
N LEU B 167 -9.18 28.21 -6.82
CA LEU B 167 -9.16 27.35 -5.63
C LEU B 167 -8.99 28.09 -4.28
N PRO B 168 -7.99 28.98 -4.16
CA PRO B 168 -7.85 29.80 -2.94
C PRO B 168 -8.97 30.79 -2.61
N LYS B 169 -9.92 31.02 -3.51
CA LYS B 169 -11.10 31.82 -3.17
C LYS B 169 -12.15 30.99 -2.38
N TYR B 170 -12.02 29.67 -2.45
CA TYR B 170 -12.92 28.72 -1.78
C TYR B 170 -12.29 28.02 -0.55
N VAL B 171 -11.02 27.65 -0.66
N VAL B 171 -11.04 27.58 -0.68
CA VAL B 171 -10.28 26.89 0.33
CA VAL B 171 -10.30 26.90 0.37
C VAL B 171 -8.88 27.51 0.52
C VAL B 171 -8.91 27.52 0.53
N SER B 172 -8.46 27.66 1.78
CA SER B 172 -7.21 28.36 2.08
C SER B 172 -5.99 27.55 1.71
N SER B 173 -4.90 28.26 1.37
CA SER B 173 -3.68 27.63 0.88
C SER B 173 -2.96 26.76 1.94
N ASP B 174 -3.19 27.09 3.21
CA ASP B 174 -2.65 26.33 4.33
C ASP B 174 -3.39 25.00 4.51
N VAL B 175 -4.65 24.93 4.08
CA VAL B 175 -5.34 23.63 3.98
C VAL B 175 -4.99 22.85 2.68
N VAL B 176 -5.02 23.51 1.52
CA VAL B 176 -4.68 22.93 0.18
C VAL B 176 -3.68 23.85 -0.54
N GLY B 177 -2.41 23.44 -0.55
CA GLY B 177 -1.32 24.23 -1.17
C GLY B 177 -1.22 24.00 -2.67
N ILE B 178 -0.68 24.98 -3.40
CA ILE B 178 -0.45 24.86 -4.85
C ILE B 178 1.00 25.04 -5.25
N VAL B 179 1.50 24.11 -6.05
CA VAL B 179 2.84 24.18 -6.67
C VAL B 179 2.65 24.04 -8.19
N ASN B 180 3.06 25.04 -8.97
CA ASN B 180 2.98 24.96 -10.44
C ASN B 180 4.37 24.96 -11.07
N GLY B 181 4.45 24.26 -12.21
CA GLY B 181 5.71 24.04 -12.92
C GLY B 181 5.83 22.63 -13.45
N GLY B 182 6.91 22.39 -14.19
CA GLY B 182 7.21 21.08 -14.79
C GLY B 182 8.21 20.31 -13.95
N VAL B 183 9.32 19.91 -14.57
CA VAL B 183 10.28 18.98 -13.94
C VAL B 183 11.02 19.53 -12.71
N SER B 184 11.41 20.80 -12.74
CA SER B 184 12.26 21.42 -11.72
C SER B 184 11.43 21.68 -10.45
N GLU B 185 10.29 22.31 -10.65
CA GLU B 185 9.42 22.62 -9.54
C GLU B 185 8.91 21.35 -8.85
N THR B 186 8.66 20.31 -9.63
CA THR B 186 8.14 19.05 -9.15
C THR B 186 9.25 18.26 -8.42
N THR B 187 10.49 18.35 -8.87
CA THR B 187 11.64 17.74 -8.15
C THR B 187 11.87 18.41 -6.78
N ALA B 188 11.68 19.73 -6.72
CA ALA B 188 11.86 20.48 -5.47
C ALA B 188 10.80 20.04 -4.44
N VAL B 189 9.52 20.07 -4.81
CA VAL B 189 8.44 19.57 -3.91
C VAL B 189 8.71 18.15 -3.38
N LEU B 190 9.17 17.24 -4.26
CA LEU B 190 9.41 15.84 -3.86
C LEU B 190 10.59 15.66 -2.89
N LYS B 191 11.45 16.66 -2.82
CA LYS B 191 12.41 16.75 -1.71
C LYS B 191 11.78 17.04 -0.33
N GLU B 192 10.52 17.50 -0.27
CA GLU B 192 9.81 17.79 1.00
C GLU B 192 9.08 16.56 1.56
N ARG B 193 8.88 16.55 2.88
N ARG B 193 8.91 16.52 2.88
CA ARG B 193 8.30 15.41 3.57
CA ARG B 193 8.33 15.36 3.55
C ARG B 193 6.77 15.45 3.47
C ARG B 193 6.81 15.42 3.52
N PHE B 194 6.18 14.37 2.96
CA PHE B 194 4.73 14.17 2.97
C PHE B 194 4.41 12.85 3.60
N ASP B 195 3.15 12.62 3.95
CA ASP B 195 2.69 11.34 4.54
C ASP B 195 1.96 10.40 3.59
N HIS B 196 1.60 10.89 2.39
CA HIS B 196 1.20 10.04 1.25
C HIS B 196 1.35 10.87 -0.05
N ILE B 197 1.83 10.20 -1.09
CA ILE B 197 1.87 10.78 -2.43
C ILE B 197 0.90 9.99 -3.28
N LEU B 198 0.08 10.72 -4.04
CA LEU B 198 -0.71 10.10 -5.09
C LEU B 198 -0.23 10.68 -6.41
N TYR B 199 0.20 9.79 -7.30
CA TYR B 199 0.77 10.21 -8.57
C TYR B 199 0.03 9.55 -9.70
N THR B 200 -0.31 10.35 -10.71
CA THR B 200 -0.85 9.87 -11.96
C THR B 200 0.11 10.33 -13.03
N GLY B 201 0.39 9.46 -14.01
CA GLY B 201 1.41 9.69 -15.05
C GLY B 201 2.08 8.40 -15.54
N SER B 202 3.23 8.54 -16.17
CA SER B 202 3.96 7.42 -16.76
C SER B 202 4.77 6.62 -15.71
N ALA B 203 4.90 5.32 -15.97
CA ALA B 203 5.73 4.42 -15.18
C ALA B 203 7.16 4.88 -15.13
N ARG B 204 7.68 5.45 -16.21
CA ARG B 204 9.05 5.96 -16.18
C ARG B 204 9.21 6.99 -15.03
N VAL B 205 8.29 7.94 -14.96
CA VAL B 205 8.37 9.02 -13.97
C VAL B 205 7.90 8.55 -12.59
N ALA B 206 7.01 7.55 -12.56
CA ALA B 206 6.60 6.86 -11.32
C ALA B 206 7.79 6.31 -10.51
N GLU B 207 8.79 5.78 -11.22
N GLU B 207 8.78 5.77 -11.23
CA GLU B 207 10.00 5.27 -10.59
CA GLU B 207 10.01 5.25 -10.63
C GLU B 207 10.79 6.37 -9.88
C GLU B 207 10.81 6.35 -9.90
N ILE B 208 10.82 7.56 -10.48
CA ILE B 208 11.51 8.73 -9.90
C ILE B 208 10.75 9.29 -8.67
N VAL B 209 9.43 9.34 -8.74
CA VAL B 209 8.60 9.69 -7.59
C VAL B 209 8.80 8.73 -6.39
N MET B 210 8.75 7.44 -6.68
CA MET B 210 8.87 6.43 -5.64
C MET B 210 10.28 6.47 -5.06
N ALA B 211 11.27 6.72 -5.89
CA ALA B 211 12.64 7.01 -5.41
C ALA B 211 12.68 8.21 -4.46
N ALA B 212 11.98 9.29 -4.81
CA ALA B 212 11.81 10.41 -3.89
C ALA B 212 11.08 10.01 -2.62
N ALA B 213 10.02 9.23 -2.75
CA ALA B 213 9.23 8.77 -1.61
C ALA B 213 10.01 7.92 -0.58
N ALA B 214 11.00 7.18 -1.06
CA ALA B 214 11.85 6.35 -0.20
C ALA B 214 12.73 7.19 0.70
N LYS B 215 13.20 8.34 0.21
CA LYS B 215 14.00 9.26 1.02
C LYS B 215 13.35 9.53 2.39
N HIS B 216 12.02 9.67 2.42
CA HIS B 216 11.24 9.94 3.62
C HIS B 216 10.28 8.80 4.05
N LEU B 217 10.48 7.61 3.50
CA LEU B 217 9.57 6.46 3.65
C LEU B 217 8.06 6.79 3.44
N THR B 218 7.75 7.58 2.41
CA THR B 218 6.38 7.98 2.17
C THR B 218 5.61 6.94 1.35
N PRO B 219 4.45 6.47 1.87
CA PRO B 219 3.65 5.55 1.04
C PRO B 219 3.11 6.24 -0.21
N VAL B 220 3.16 5.52 -1.33
CA VAL B 220 2.74 6.00 -2.64
C VAL B 220 1.54 5.21 -3.09
N THR B 221 0.66 5.91 -3.80
CA THR B 221 -0.36 5.35 -4.64
C THR B 221 -0.04 5.87 -6.08
N LEU B 222 0.20 4.94 -7.00
CA LEU B 222 0.73 5.23 -8.33
C LEU B 222 -0.29 4.80 -9.38
N GLU B 223 -0.81 5.77 -10.12
CA GLU B 223 -1.88 5.56 -11.09
C GLU B 223 -1.33 5.65 -12.51
N LEU B 224 -1.09 4.49 -13.11
CA LEU B 224 -0.25 4.40 -14.33
C LEU B 224 -1.00 3.77 -15.52
N GLY B 225 -0.27 3.42 -16.56
CA GLY B 225 -0.87 2.83 -17.75
C GLY B 225 -0.28 1.53 -18.22
N GLY B 226 -0.36 1.35 -19.54
CA GLY B 226 -0.13 0.09 -20.21
C GLY B 226 -1.11 -0.07 -21.33
N LYS B 227 -1.15 -1.24 -21.93
CA LYS B 227 -1.96 -1.44 -23.13
C LYS B 227 -3.19 -2.24 -22.79
N SER B 228 -4.29 -1.55 -22.52
CA SER B 228 -5.55 -2.21 -22.16
C SER B 228 -6.16 -3.01 -23.33
N PRO B 229 -6.13 -4.36 -23.25
CA PRO B 229 -6.65 -5.13 -24.38
C PRO B 229 -8.16 -5.16 -24.45
N VAL B 230 -8.70 -5.33 -25.66
CA VAL B 230 -10.11 -5.69 -25.87
C VAL B 230 -10.19 -7.04 -26.60
N VAL B 231 -10.78 -8.02 -25.94
CA VAL B 231 -10.93 -9.33 -26.52
C VAL B 231 -12.36 -9.43 -27.01
N VAL B 232 -12.51 -9.68 -28.31
CA VAL B 232 -13.83 -9.89 -28.95
C VAL B 232 -13.92 -11.33 -29.43
N ASP B 233 -14.96 -12.04 -29.00
CA ASP B 233 -15.10 -13.45 -29.37
C ASP B 233 -16.12 -13.61 -30.50
N ASP B 234 -16.54 -14.85 -30.73
CA ASP B 234 -17.46 -15.15 -31.84
C ASP B 234 -18.86 -15.53 -31.37
N THR B 235 -19.26 -14.92 -30.24
CA THR B 235 -20.61 -15.07 -29.69
C THR B 235 -21.37 -13.72 -29.67
N CYS B 236 -20.79 -12.69 -30.31
CA CYS B 236 -21.37 -11.33 -30.35
C CYS B 236 -21.88 -10.87 -31.70
N ALA B 237 -22.07 -11.79 -32.65
CA ALA B 237 -22.39 -11.41 -34.03
C ALA B 237 -23.61 -10.51 -34.12
N ASP B 238 -24.68 -10.90 -33.45
CA ASP B 238 -25.94 -10.16 -33.45
C ASP B 238 -25.86 -8.77 -32.76
N ASN B 239 -24.91 -8.59 -31.84
CA ASN B 239 -24.72 -7.37 -31.05
C ASN B 239 -23.56 -6.49 -31.58
N MET B 240 -22.99 -6.85 -32.74
CA MET B 240 -21.75 -6.21 -33.25
C MET B 240 -21.80 -4.66 -33.32
N LYS B 241 -22.98 -4.10 -33.56
CA LYS B 241 -23.15 -2.64 -33.56
C LYS B 241 -22.96 -1.99 -32.17
N VAL B 242 -23.35 -2.70 -31.11
CA VAL B 242 -23.14 -2.21 -29.73
C VAL B 242 -21.67 -2.34 -29.32
N VAL B 243 -21.06 -3.47 -29.69
CA VAL B 243 -19.63 -3.77 -29.47
C VAL B 243 -18.75 -2.73 -30.14
N ALA B 244 -19.11 -2.39 -31.36
CA ALA B 244 -18.33 -1.45 -32.16
C ALA B 244 -18.46 -0.02 -31.66
N GLU B 245 -19.70 0.38 -31.36
CA GLU B 245 -19.94 1.75 -30.88
C GLU B 245 -19.35 2.02 -29.48
N ARG B 246 -19.31 0.99 -28.65
CA ARG B 246 -18.68 1.11 -27.32
C ARG B 246 -17.16 1.20 -27.40
N ILE B 247 -16.55 0.38 -28.26
CA ILE B 247 -15.10 0.41 -28.44
C ILE B 247 -14.66 1.68 -29.14
N MET B 248 -15.45 2.18 -30.09
CA MET B 248 -15.08 3.40 -30.83
C MET B 248 -15.32 4.66 -30.00
N TRP B 249 -16.38 4.67 -29.21
CA TRP B 249 -16.58 5.74 -28.21
C TRP B 249 -15.38 5.86 -27.27
N GLY B 250 -14.97 4.73 -26.68
CA GLY B 250 -13.87 4.66 -25.72
C GLY B 250 -12.53 5.13 -26.24
N LYS B 251 -12.34 5.05 -27.57
CA LYS B 251 -11.16 5.53 -28.29
C LYS B 251 -11.28 6.97 -28.79
N ILE B 252 -12.46 7.36 -29.27
CA ILE B 252 -12.68 8.71 -29.82
C ILE B 252 -12.44 9.77 -28.74
N ILE B 253 -12.99 9.53 -27.55
CA ILE B 253 -12.82 10.45 -26.41
C ILE B 253 -11.34 10.82 -26.22
N ASN B 254 -11.09 12.13 -26.15
CA ASN B 254 -9.75 12.72 -25.93
C ASN B 254 -8.66 12.38 -26.97
N ALA B 255 -9.10 12.09 -28.20
CA ALA B 255 -8.27 11.54 -29.29
C ALA B 255 -7.43 10.35 -28.79
N GLY B 256 -8.09 9.40 -28.12
CA GLY B 256 -7.42 8.20 -27.56
C GLY B 256 -6.59 8.33 -26.28
N GLN B 257 -6.40 9.55 -25.80
CA GLN B 257 -5.43 9.86 -24.75
C GLN B 257 -6.10 9.71 -23.42
N THR B 258 -6.35 8.44 -23.11
CA THR B 258 -7.08 7.98 -21.95
C THR B 258 -6.44 6.64 -21.54
N SER B 259 -6.15 6.47 -20.25
CA SER B 259 -5.35 5.36 -19.78
C SER B 259 -6.08 4.03 -19.76
N ILE B 260 -7.40 4.13 -19.57
CA ILE B 260 -8.30 3.00 -19.75
C ILE B 260 -8.94 2.80 -21.14
N ALA B 261 -8.49 3.53 -22.20
CA ALA B 261 -9.08 3.39 -23.56
C ALA B 261 -8.72 2.06 -24.23
N PRO B 262 -9.46 1.67 -25.29
CA PRO B 262 -9.05 0.51 -26.07
C PRO B 262 -7.73 0.78 -26.79
N ASP B 263 -6.70 0.02 -26.45
CA ASP B 263 -5.36 0.24 -26.96
C ASP B 263 -5.23 -0.59 -28.24
N TYR B 264 -5.51 -1.88 -28.13
CA TYR B 264 -5.61 -2.76 -29.25
C TYR B 264 -6.71 -3.76 -28.99
N VAL B 265 -7.08 -4.49 -30.03
CA VAL B 265 -8.12 -5.48 -30.03
C VAL B 265 -7.51 -6.84 -30.37
N VAL B 266 -8.09 -7.89 -29.79
CA VAL B 266 -7.79 -9.27 -30.13
C VAL B 266 -9.14 -9.91 -30.48
N VAL B 267 -9.37 -10.12 -31.78
CA VAL B 267 -10.64 -10.61 -32.31
C VAL B 267 -10.52 -12.09 -32.75
N GLU B 268 -11.57 -12.87 -32.54
CA GLU B 268 -11.60 -14.25 -33.03
C GLU B 268 -11.56 -14.18 -34.58
N LYS B 269 -10.77 -15.08 -35.18
CA LYS B 269 -10.34 -15.01 -36.57
C LYS B 269 -11.51 -14.80 -37.55
N SER B 270 -12.61 -15.52 -37.33
CA SER B 270 -13.82 -15.39 -38.13
C SER B 270 -14.61 -14.08 -37.99
N MET B 271 -14.41 -13.33 -36.91
CA MET B 271 -15.18 -12.07 -36.70
C MET B 271 -14.44 -10.78 -37.13
N GLU B 272 -13.22 -10.90 -37.66
CA GLU B 272 -12.41 -9.72 -38.01
C GLU B 272 -13.11 -8.69 -38.92
N SER B 273 -13.64 -9.16 -40.05
CA SER B 273 -14.17 -8.25 -41.06
C SER B 273 -15.36 -7.49 -40.51
N VAL B 274 -16.27 -8.19 -39.85
CA VAL B 274 -17.51 -7.59 -39.31
C VAL B 274 -17.27 -6.55 -38.18
N LEU B 275 -16.26 -6.79 -37.34
CA LEU B 275 -15.89 -5.86 -36.27
C LEU B 275 -15.35 -4.58 -36.87
N VAL B 276 -14.38 -4.75 -37.78
CA VAL B 276 -13.65 -3.62 -38.40
C VAL B 276 -14.60 -2.71 -39.14
N ASP B 277 -15.48 -3.31 -39.92
CA ASP B 277 -16.48 -2.55 -40.67
C ASP B 277 -17.44 -1.90 -39.65
N ALA B 278 -17.92 -2.64 -38.65
CA ALA B 278 -18.74 -2.03 -37.57
C ALA B 278 -18.05 -0.88 -36.79
N LEU B 279 -16.76 -1.01 -36.50
CA LEU B 279 -15.98 0.13 -36.00
C LEU B 279 -15.94 1.34 -36.96
N ALA B 280 -15.79 1.09 -38.26
CA ALA B 280 -15.81 2.17 -39.29
C ALA B 280 -17.13 2.93 -39.42
N GLU B 281 -18.25 2.21 -39.43
CA GLU B 281 -19.59 2.82 -39.33
C GLU B 281 -19.81 3.56 -37.97
N ALA B 282 -19.35 2.99 -36.86
CA ALA B 282 -19.38 3.68 -35.55
C ALA B 282 -18.59 5.00 -35.58
N ARG B 283 -17.39 4.94 -36.15
CA ARG B 283 -16.52 6.09 -36.34
C ARG B 283 -17.20 7.21 -37.13
N LYS B 284 -17.77 6.83 -38.28
CA LYS B 284 -18.46 7.77 -39.17
C LYS B 284 -19.65 8.43 -38.49
N ALA B 285 -20.44 7.63 -37.78
CA ALA B 285 -21.59 8.12 -37.00
C ALA B 285 -21.21 9.18 -35.96
N MET B 286 -20.09 8.97 -35.26
CA MET B 286 -19.68 9.77 -34.09
C MET B 286 -18.89 11.02 -34.45
N LEU B 287 -18.09 10.95 -35.51
CA LEU B 287 -17.27 12.08 -35.95
C LEU B 287 -17.93 12.91 -37.05
N GLY B 288 -18.93 12.35 -37.73
CA GLY B 288 -19.69 13.10 -38.70
C GLY B 288 -19.00 13.24 -40.03
N ASP B 289 -19.80 13.22 -41.09
CA ASP B 289 -19.31 13.18 -42.49
C ASP B 289 -18.47 14.38 -42.95
N LYS B 290 -18.99 15.59 -42.85
CA LYS B 290 -18.21 16.80 -43.15
C LYS B 290 -16.80 16.78 -42.52
N PHE B 291 -16.71 16.45 -41.22
CA PHE B 291 -15.45 16.50 -40.49
C PHE B 291 -14.40 15.64 -41.16
N LEU B 292 -14.74 14.39 -41.45
CA LEU B 292 -13.80 13.41 -42.01
C LEU B 292 -13.46 13.70 -43.47
N LYS B 293 -14.40 14.25 -44.22
CA LYS B 293 -14.10 14.65 -45.59
C LYS B 293 -13.08 15.78 -45.62
N VAL B 294 -13.24 16.75 -44.72
CA VAL B 294 -12.31 17.89 -44.68
C VAL B 294 -10.94 17.39 -44.31
N LEU B 295 -10.87 16.60 -43.24
CA LEU B 295 -9.61 16.02 -42.77
C LEU B 295 -8.92 15.23 -43.87
N LYS B 296 -9.67 14.45 -44.63
CA LYS B 296 -9.09 13.67 -45.71
C LYS B 296 -8.71 14.52 -46.93
N GLY B 297 -9.39 15.65 -47.12
CA GLY B 297 -9.17 16.51 -48.27
C GLY B 297 -10.11 16.25 -49.45
N GLU B 298 -11.13 15.41 -49.26
CA GLU B 298 -12.17 15.15 -50.25
C GLU B 298 -13.19 16.32 -50.29
N LEU B 299 -13.22 17.14 -49.24
CA LEU B 299 -14.03 18.36 -49.20
C LEU B 299 -13.20 19.52 -48.68
N LEU B 300 -13.20 20.64 -49.42
CA LEU B 300 -12.40 21.80 -49.06
C LEU B 300 -13.18 22.82 -48.24
N VAL B 301 -12.47 23.60 -47.45
CA VAL B 301 -13.02 24.69 -46.67
C VAL B 301 -12.04 25.87 -46.73
N LYS B 302 -12.59 27.08 -46.75
CA LYS B 302 -11.80 28.30 -46.95
C LYS B 302 -10.64 28.48 -45.95
N GLN B 303 -10.85 28.08 -44.69
CA GLN B 303 -9.83 28.21 -43.62
C GLN B 303 -9.64 26.86 -42.94
N LYS B 304 -8.90 25.93 -43.56
CA LYS B 304 -8.87 24.55 -43.04
C LYS B 304 -8.46 24.44 -41.55
N GLN B 305 -7.35 25.08 -41.22
CA GLN B 305 -6.83 25.11 -39.84
C GLN B 305 -7.88 25.60 -38.85
N GLN B 306 -8.50 26.73 -39.19
CA GLN B 306 -9.60 27.29 -38.40
C GLN B 306 -10.73 26.26 -38.12
N PHE B 307 -11.15 25.56 -39.17
CA PHE B 307 -12.25 24.60 -39.09
C PHE B 307 -11.99 23.43 -38.13
N LEU B 308 -10.78 22.87 -38.19
CA LEU B 308 -10.36 21.76 -37.30
C LEU B 308 -10.21 22.23 -35.86
N GLU B 309 -9.65 23.41 -35.64
CA GLU B 309 -9.61 23.99 -34.27
C GLU B 309 -11.00 24.23 -33.67
N GLU B 310 -12.01 24.41 -34.52
CA GLU B 310 -13.41 24.64 -34.13
C GLU B 310 -14.25 23.37 -34.09
N SER B 311 -13.66 22.20 -34.37
CA SER B 311 -14.41 20.94 -34.37
C SER B 311 -14.69 20.39 -32.94
N ASP B 312 -15.51 19.34 -32.92
CA ASP B 312 -15.80 18.55 -31.73
C ASP B 312 -14.73 17.51 -31.38
N TYR B 313 -13.83 17.21 -32.31
CA TYR B 313 -12.77 16.19 -32.09
C TYR B 313 -11.57 16.80 -31.34
N PRO B 314 -11.06 16.12 -30.27
CA PRO B 314 -9.93 16.72 -29.51
C PRO B 314 -8.57 16.54 -30.19
N ARG B 315 -7.56 17.24 -29.67
CA ARG B 315 -6.21 17.27 -30.24
C ARG B 315 -5.20 16.40 -29.49
N ILE B 316 -4.06 16.14 -30.15
CA ILE B 316 -2.93 15.49 -29.52
C ILE B 316 -2.22 16.57 -28.71
N VAL B 317 -1.62 16.17 -27.59
CA VAL B 317 -1.06 17.12 -26.61
C VAL B 317 0.04 18.01 -27.18
N ASN B 318 0.92 17.43 -27.99
CA ASN B 318 1.98 18.19 -28.65
C ASN B 318 2.50 17.50 -29.94
N ALA B 319 3.40 18.19 -30.64
CA ALA B 319 4.01 17.69 -31.89
C ALA B 319 4.77 16.36 -31.80
N SER B 320 5.44 16.11 -30.67
CA SER B 320 6.25 14.90 -30.50
C SER B 320 5.39 13.64 -30.47
N HIS B 321 4.31 13.68 -29.70
CA HIS B 321 3.35 12.58 -29.60
C HIS B 321 2.52 12.38 -30.89
N PHE B 322 2.25 13.47 -31.63
CA PHE B 322 1.67 13.44 -33.00
C PHE B 322 2.52 12.60 -33.95
N GLN B 323 3.79 12.98 -34.09
CA GLN B 323 4.74 12.29 -34.99
C GLN B 323 4.96 10.83 -34.59
N ARG B 324 5.10 10.58 -33.29
CA ARG B 324 5.18 9.22 -32.75
C ARG B 324 3.99 8.37 -33.21
N LEU B 325 2.79 8.95 -33.15
CA LEU B 325 1.57 8.27 -33.53
C LEU B 325 1.43 8.08 -35.06
N MET B 326 1.97 9.01 -35.84
CA MET B 326 2.02 8.89 -37.30
C MET B 326 3.03 7.85 -37.80
N GLU B 327 4.06 7.57 -37.00
CA GLU B 327 5.05 6.53 -37.32
C GLU B 327 4.52 5.12 -37.00
N PHE B 328 3.65 5.02 -35.99
CA PHE B 328 2.92 3.78 -35.71
C PHE B 328 2.03 3.29 -36.87
N MET B 329 1.58 4.20 -37.74
CA MET B 329 0.81 3.81 -38.94
C MET B 329 1.62 2.93 -39.87
N LYS B 330 2.93 3.12 -39.88
CA LYS B 330 3.85 2.27 -40.65
C LYS B 330 4.09 0.87 -40.09
N GLY B 331 3.49 0.54 -38.95
CA GLY B 331 3.53 -0.82 -38.37
C GLY B 331 2.41 -1.75 -38.84
N GLY B 332 1.67 -1.32 -39.87
CA GLY B 332 0.65 -2.17 -40.46
C GLY B 332 -0.14 -1.52 -41.59
N LYS B 333 -1.21 -2.20 -41.97
CA LYS B 333 -2.05 -1.79 -43.07
C LYS B 333 -3.12 -0.85 -42.49
N VAL B 334 -3.30 0.34 -43.07
CA VAL B 334 -4.38 1.23 -42.64
C VAL B 334 -5.70 0.70 -43.25
N ALA B 335 -6.43 -0.04 -42.43
CA ALA B 335 -7.70 -0.65 -42.84
C ALA B 335 -8.79 0.40 -42.86
N VAL B 336 -8.95 1.11 -41.73
CA VAL B 336 -9.92 2.19 -41.58
C VAL B 336 -9.16 3.43 -41.14
N GLY B 337 -9.52 4.57 -41.72
CA GLY B 337 -8.98 5.86 -41.32
C GLY B 337 -7.68 6.25 -42.01
N GLY B 338 -6.76 6.81 -41.21
CA GLY B 338 -5.44 7.20 -41.68
C GLY B 338 -5.16 8.70 -41.71
N GLU B 339 -6.18 9.51 -41.43
CA GLU B 339 -6.18 10.93 -41.77
C GLU B 339 -5.64 11.81 -40.64
N ALA B 340 -4.79 12.77 -41.03
CA ALA B 340 -4.11 13.64 -40.08
C ALA B 340 -3.88 15.03 -40.64
N ASP B 341 -3.68 15.98 -39.72
CA ASP B 341 -3.22 17.35 -40.01
C ASP B 341 -2.28 17.84 -38.88
N GLU B 342 -1.09 18.30 -39.26
CA GLU B 342 -0.02 18.61 -38.29
C GLU B 342 -0.21 19.90 -37.50
N ALA B 343 -0.62 20.97 -38.16
CA ALA B 343 -0.77 22.29 -37.50
C ALA B 343 -1.88 22.36 -36.43
N THR B 344 -2.91 21.51 -36.52
CA THR B 344 -3.93 21.39 -35.47
C THR B 344 -3.83 20.09 -34.64
N LEU B 345 -2.72 19.36 -34.83
CA LEU B 345 -2.41 18.13 -34.11
C LEU B 345 -3.62 17.19 -34.05
N THR B 346 -4.24 17.01 -35.23
CA THR B 346 -5.43 16.21 -35.41
C THR B 346 -5.04 14.91 -36.09
N ILE B 347 -5.37 13.80 -35.45
CA ILE B 347 -5.22 12.45 -36.02
C ILE B 347 -6.54 11.74 -35.74
N ALA B 348 -7.27 11.40 -36.81
CA ALA B 348 -8.55 10.72 -36.66
C ALA B 348 -8.31 9.26 -36.31
N PRO B 349 -9.29 8.60 -35.64
CA PRO B 349 -9.11 7.20 -35.25
C PRO B 349 -8.76 6.31 -36.44
N THR B 350 -7.75 5.45 -36.26
CA THR B 350 -7.22 4.61 -37.31
C THR B 350 -7.14 3.15 -36.85
N ILE B 351 -7.65 2.25 -37.68
CA ILE B 351 -7.61 0.83 -37.41
C ILE B 351 -6.55 0.20 -38.32
N LEU B 352 -5.59 -0.48 -37.72
CA LEU B 352 -4.50 -1.14 -38.43
C LEU B 352 -4.61 -2.64 -38.34
N THR B 353 -4.37 -3.29 -39.47
CA THR B 353 -4.38 -4.74 -39.59
C THR B 353 -3.02 -5.21 -40.12
N ASN B 354 -2.83 -6.53 -40.14
CA ASN B 354 -1.58 -7.17 -40.53
C ASN B 354 -0.42 -6.57 -39.73
N ILE B 355 -0.56 -6.63 -38.41
CA ILE B 355 0.39 -6.02 -37.49
C ILE B 355 1.60 -6.92 -37.29
N ASP B 356 2.79 -6.33 -37.45
CA ASP B 356 4.04 -6.92 -36.96
C ASP B 356 4.02 -6.79 -35.44
N PRO B 357 3.84 -7.91 -34.69
CA PRO B 357 3.59 -7.77 -33.25
C PRO B 357 4.80 -7.27 -32.45
N THR B 358 5.98 -7.33 -33.05
CA THR B 358 7.21 -6.78 -32.50
C THR B 358 7.43 -5.27 -32.84
N HIS B 359 6.52 -4.65 -33.59
CA HIS B 359 6.63 -3.22 -33.95
C HIS B 359 6.29 -2.36 -32.72
N PRO B 360 7.01 -1.23 -32.49
CA PRO B 360 6.70 -0.33 -31.37
C PRO B 360 5.21 -0.05 -31.07
N VAL B 361 4.36 0.04 -32.11
CA VAL B 361 2.90 0.22 -31.95
C VAL B 361 2.24 -0.83 -31.07
N MET B 362 2.81 -2.03 -31.06
CA MET B 362 2.31 -3.13 -30.22
C MET B 362 3.21 -3.53 -29.03
N GLN B 363 4.19 -2.67 -28.69
CA GLN B 363 5.08 -2.84 -27.54
C GLN B 363 4.88 -1.79 -26.44
N GLU B 364 4.58 -0.56 -26.86
CA GLU B 364 4.44 0.60 -25.98
C GLU B 364 2.98 1.03 -25.98
N GLU B 365 2.61 1.77 -24.93
CA GLU B 365 1.25 2.30 -24.81
C GLU B 365 1.02 3.34 -25.90
N ILE B 366 -0.12 3.25 -26.58
CA ILE B 366 -0.38 4.09 -27.77
C ILE B 366 -0.76 5.50 -27.34
N PHE B 367 -1.79 5.56 -26.51
CA PHE B 367 -2.25 6.81 -25.92
C PHE B 367 -2.59 7.83 -27.01
N GLY B 368 -3.39 7.36 -27.95
CA GLY B 368 -3.66 8.07 -29.19
C GLY B 368 -4.72 7.34 -30.01
N PRO B 369 -5.03 7.86 -31.20
CA PRO B 369 -6.18 7.32 -31.93
C PRO B 369 -5.92 6.04 -32.76
N ILE B 370 -4.69 5.55 -32.76
CA ILE B 370 -4.27 4.31 -33.43
C ILE B 370 -4.82 3.06 -32.69
N LEU B 371 -5.55 2.19 -33.39
CA LEU B 371 -6.08 0.95 -32.82
C LEU B 371 -5.66 -0.29 -33.66
N PRO B 372 -4.61 -1.01 -33.21
CA PRO B 372 -4.27 -2.29 -33.87
C PRO B 372 -5.29 -3.37 -33.61
N VAL B 373 -5.46 -4.28 -34.58
CA VAL B 373 -6.41 -5.39 -34.51
C VAL B 373 -5.65 -6.68 -34.80
N LEU B 374 -5.56 -7.56 -33.80
CA LEU B 374 -4.90 -8.86 -33.91
C LEU B 374 -5.97 -9.93 -33.82
N THR B 375 -5.70 -11.10 -34.39
CA THR B 375 -6.63 -12.23 -34.25
C THR B 375 -6.10 -13.35 -33.36
N TYR B 376 -7.02 -14.21 -32.96
CA TYR B 376 -6.72 -15.41 -32.16
C TYR B 376 -7.57 -16.59 -32.64
N GLU B 377 -6.95 -17.76 -32.77
CA GLU B 377 -7.68 -19.00 -33.12
C GLU B 377 -8.26 -19.68 -31.86
N ASN B 378 -7.50 -19.71 -30.77
CA ASN B 378 -7.93 -20.30 -29.48
C ASN B 378 -7.44 -19.48 -28.29
N GLU B 379 -7.96 -19.78 -27.11
CA GLU B 379 -7.72 -18.98 -25.90
C GLU B 379 -6.24 -18.76 -25.56
N LYS B 380 -5.38 -19.74 -25.86
CA LYS B 380 -3.95 -19.65 -25.54
C LYS B 380 -3.19 -18.60 -26.36
N ASP B 381 -3.65 -18.32 -27.57
CA ASP B 381 -3.12 -17.23 -28.40
C ASP B 381 -3.47 -15.88 -27.78
N ILE B 382 -4.59 -15.82 -27.07
CA ILE B 382 -4.98 -14.61 -26.33
C ILE B 382 -4.01 -14.43 -25.19
N LEU B 383 -3.74 -15.54 -24.48
CA LEU B 383 -2.94 -15.49 -23.26
C LEU B 383 -1.49 -15.15 -23.57
N LYS B 384 -0.89 -15.69 -24.65
CA LYS B 384 0.50 -15.29 -24.98
C LYS B 384 0.64 -13.86 -25.49
N ILE B 385 -0.45 -13.28 -26.00
CA ILE B 385 -0.44 -11.88 -26.40
C ILE B 385 -0.46 -11.03 -25.14
N ILE B 386 -1.46 -11.25 -24.30
CA ILE B 386 -1.75 -10.41 -23.15
C ILE B 386 -0.68 -10.59 -22.04
N ASN B 387 -0.39 -11.84 -21.68
CA ASN B 387 0.53 -12.14 -20.57
C ASN B 387 2.02 -12.00 -20.91
N SER B 388 2.38 -11.86 -22.19
CA SER B 388 3.76 -11.53 -22.58
C SER B 388 4.10 -10.08 -22.32
N ARG B 389 3.08 -9.25 -22.08
CA ARG B 389 3.22 -7.83 -21.80
C ARG B 389 2.91 -7.47 -20.35
N GLU B 390 3.24 -6.23 -20.00
CA GLU B 390 2.92 -5.70 -18.69
C GLU B 390 1.44 -5.79 -18.35
N LYS B 391 1.18 -5.93 -17.06
CA LYS B 391 -0.19 -5.99 -16.57
C LYS B 391 -0.85 -4.63 -16.84
N PRO B 392 -2.00 -4.65 -17.53
CA PRO B 392 -2.59 -3.41 -17.94
C PRO B 392 -3.57 -2.93 -16.93
N LEU B 393 -3.80 -1.63 -16.93
CA LEU B 393 -4.83 -0.98 -16.12
C LEU B 393 -6.23 -1.57 -16.33
N ALA B 394 -6.60 -1.85 -17.58
CA ALA B 394 -7.95 -2.33 -17.91
C ALA B 394 -7.89 -3.49 -18.85
N LEU B 395 -8.82 -4.42 -18.68
CA LEU B 395 -8.98 -5.54 -19.59
C LEU B 395 -10.45 -5.60 -19.90
N TYR B 396 -10.75 -5.74 -21.18
CA TYR B 396 -12.12 -5.74 -21.67
C TYR B 396 -12.39 -7.01 -22.43
N VAL B 397 -13.59 -7.59 -22.22
CA VAL B 397 -14.00 -8.80 -22.91
C VAL B 397 -15.40 -8.56 -23.46
N PHE B 398 -15.54 -8.67 -24.78
CA PHE B 398 -16.86 -8.68 -25.41
C PHE B 398 -17.27 -10.12 -25.70
N SER B 399 -18.34 -10.57 -25.04
CA SER B 399 -18.75 -11.97 -25.10
C SER B 399 -20.07 -12.22 -24.36
N ASN B 400 -20.78 -13.23 -24.86
CA ASN B 400 -22.02 -13.78 -24.29
C ASN B 400 -21.78 -15.20 -23.74
N ASN B 401 -20.56 -15.74 -23.83
CA ASN B 401 -20.29 -17.07 -23.28
C ASN B 401 -19.67 -17.00 -21.88
N LYS B 402 -20.39 -17.60 -20.92
CA LYS B 402 -20.02 -17.58 -19.50
C LYS B 402 -18.67 -18.31 -19.25
N ARG B 403 -18.42 -19.40 -19.98
CA ARG B 403 -17.16 -20.14 -19.91
C ARG B 403 -15.97 -19.34 -20.44
N PHE B 404 -16.10 -18.78 -21.64
CA PHE B 404 -15.03 -17.98 -22.27
C PHE B 404 -14.62 -16.73 -21.47
N ILE B 405 -15.60 -16.06 -20.84
CA ILE B 405 -15.32 -14.88 -20.01
C ILE B 405 -14.53 -15.28 -18.75
N ARG B 406 -15.08 -16.25 -18.03
CA ARG B 406 -14.47 -16.75 -16.77
C ARG B 406 -13.06 -17.30 -16.98
N GLY B 407 -12.84 -17.95 -18.12
CA GLY B 407 -11.52 -18.46 -18.48
C GLY B 407 -10.49 -17.37 -18.75
N VAL B 408 -10.91 -16.25 -19.33
CA VAL B 408 -10.02 -15.11 -19.57
C VAL B 408 -9.72 -14.33 -18.27
N GLU B 409 -10.73 -14.17 -17.42
CA GLU B 409 -10.54 -13.53 -16.13
C GLU B 409 -9.48 -14.29 -15.31
N SER B 410 -9.76 -15.57 -15.03
CA SER B 410 -8.84 -16.44 -14.30
C SER B 410 -7.38 -16.42 -14.77
N ARG B 411 -7.16 -16.42 -16.09
CA ARG B 411 -5.82 -16.60 -16.66
C ARG B 411 -5.04 -15.30 -16.99
N THR B 412 -5.54 -14.13 -16.59
CA THR B 412 -4.86 -12.85 -16.85
C THR B 412 -4.89 -11.98 -15.61
N SER B 413 -3.99 -11.00 -15.54
CA SER B 413 -3.96 -10.03 -14.44
C SER B 413 -4.04 -8.62 -15.00
N SER B 414 -4.92 -7.79 -14.42
CA SER B 414 -5.13 -6.41 -14.85
C SER B 414 -5.76 -5.58 -13.76
N GLY B 415 -5.64 -4.26 -13.86
CA GLY B 415 -6.29 -3.37 -12.87
C GLY B 415 -7.79 -3.56 -12.67
N ALA B 416 -8.53 -3.74 -13.77
CA ALA B 416 -9.97 -4.03 -13.69
C ALA B 416 -10.36 -4.89 -14.90
N VAL B 417 -11.46 -5.67 -14.80
CA VAL B 417 -12.06 -6.29 -15.95
C VAL B 417 -13.40 -5.60 -16.17
N VAL B 418 -13.79 -5.45 -17.43
CA VAL B 418 -15.17 -5.10 -17.80
C VAL B 418 -15.60 -6.04 -18.91
N VAL B 419 -16.78 -6.62 -18.73
CA VAL B 419 -17.43 -7.45 -19.73
C VAL B 419 -18.50 -6.64 -20.45
N ASN B 420 -18.36 -6.54 -21.78
CA ASN B 420 -19.34 -5.94 -22.72
C ASN B 420 -19.40 -4.38 -22.79
N ASP B 421 -18.39 -3.70 -22.27
CA ASP B 421 -18.26 -2.23 -22.44
C ASP B 421 -16.81 -1.83 -22.19
N VAL B 422 -16.51 -0.53 -22.30
CA VAL B 422 -15.17 0.01 -21.96
C VAL B 422 -15.29 1.30 -21.12
N VAL B 423 -14.27 1.57 -20.29
CA VAL B 423 -14.06 2.87 -19.65
C VAL B 423 -14.97 3.10 -18.45
N VAL B 424 -16.27 2.87 -18.58
CA VAL B 424 -17.28 3.23 -17.55
C VAL B 424 -17.09 2.71 -16.13
N HIS B 425 -16.34 1.61 -15.98
CA HIS B 425 -16.04 1.08 -14.65
C HIS B 425 -15.38 2.16 -13.78
N ALA B 426 -14.56 3.01 -14.42
CA ALA B 426 -13.85 4.11 -13.78
C ALA B 426 -14.76 5.14 -13.09
N GLY B 427 -15.97 5.31 -13.62
CA GLY B 427 -16.95 6.22 -13.04
C GLY B 427 -17.90 5.52 -12.06
N ALA B 428 -17.74 4.20 -11.86
CA ALA B 428 -18.69 3.39 -11.13
C ALA B 428 -18.52 3.55 -9.62
N ASP B 429 -19.60 3.88 -8.94
CA ASP B 429 -19.53 4.21 -7.52
C ASP B 429 -19.52 2.90 -6.76
N GLY B 430 -18.45 2.68 -5.99
CA GLY B 430 -18.27 1.47 -5.16
C GLY B 430 -17.23 0.47 -5.65
N LEU B 431 -16.41 0.84 -6.65
CA LEU B 431 -15.26 -0.01 -7.07
C LEU B 431 -14.00 0.78 -6.82
N PRO B 432 -12.90 0.11 -6.40
CA PRO B 432 -11.63 0.85 -6.38
C PRO B 432 -11.07 1.00 -7.79
N PHE B 433 -10.34 2.10 -8.01
CA PHE B 433 -9.73 2.39 -9.28
C PHE B 433 -8.25 2.44 -9.06
N GLY B 434 -7.53 1.61 -9.80
CA GLY B 434 -6.10 1.50 -9.68
C GLY B 434 -5.57 0.35 -10.51
N GLY B 435 -4.25 0.33 -10.61
CA GLY B 435 -3.52 -0.62 -11.42
C GLY B 435 -2.92 -1.76 -10.63
N VAL B 436 -2.01 -2.46 -11.30
CA VAL B 436 -1.21 -3.55 -10.72
C VAL B 436 0.02 -3.75 -11.62
N GLY B 437 1.16 -4.22 -11.09
CA GLY B 437 2.42 -4.23 -11.86
C GLY B 437 2.72 -2.82 -12.36
N ARG B 438 3.09 -2.68 -13.64
CA ARG B 438 3.44 -1.36 -14.18
C ARG B 438 2.25 -0.47 -14.58
N SER B 439 1.02 -0.99 -14.48
CA SER B 439 -0.19 -0.15 -14.40
C SER B 439 -0.44 0.55 -13.02
N GLY B 440 0.23 0.09 -11.97
CA GLY B 440 0.32 0.88 -10.74
C GLY B 440 0.17 0.13 -9.44
N MET B 441 0.18 0.86 -8.34
CA MET B 441 -0.15 0.24 -7.04
C MET B 441 -1.09 1.14 -6.22
N GLY B 442 -1.97 0.51 -5.45
CA GLY B 442 -2.96 1.26 -4.72
C GLY B 442 -4.19 1.55 -5.58
N ALA B 443 -5.21 2.05 -4.90
CA ALA B 443 -6.48 2.36 -5.52
C ALA B 443 -7.19 3.49 -4.76
N TYR B 444 -8.12 4.14 -5.42
CA TYR B 444 -8.88 5.24 -4.85
C TYR B 444 -10.25 5.35 -5.52
N HIS B 445 -10.97 6.43 -5.20
CA HIS B 445 -12.41 6.65 -5.42
C HIS B 445 -13.23 6.27 -4.16
N GLY B 446 -13.95 7.26 -3.61
CA GLY B 446 -15.01 7.01 -2.63
C GLY B 446 -14.48 6.48 -1.31
N ARG B 447 -15.02 5.36 -0.83
CA ARG B 447 -14.46 4.63 0.29
C ARG B 447 -12.95 4.32 0.17
N TYR B 448 -12.49 4.09 -1.05
CA TYR B 448 -11.13 3.58 -1.30
C TYR B 448 -10.10 4.72 -1.33
N SER B 449 -10.54 5.92 -1.67
CA SER B 449 -9.72 7.10 -1.45
C SER B 449 -9.61 7.36 0.05
N PHE B 450 -10.72 7.31 0.79
CA PHE B 450 -10.70 7.51 2.25
C PHE B 450 -9.82 6.46 2.92
N GLU B 451 -9.91 5.20 2.49
CA GLU B 451 -9.06 4.13 3.07
C GLU B 451 -7.56 4.32 2.71
N THR B 452 -7.29 4.74 1.49
CA THR B 452 -5.91 5.05 0.99
C THR B 452 -5.26 6.20 1.74
N PHE B 453 -6.01 7.25 2.04
CA PHE B 453 -5.50 8.43 2.74
C PHE B 453 -5.68 8.36 4.27
N SER B 454 -5.73 7.15 4.82
CA SER B 454 -5.97 6.88 6.26
C SER B 454 -5.08 5.75 6.76
N HIS B 455 -4.73 5.82 8.03
CA HIS B 455 -4.03 4.77 8.73
C HIS B 455 -5.11 4.03 9.50
N ARG B 456 -5.28 2.75 9.14
CA ARG B 456 -6.09 1.85 9.92
C ARG B 456 -5.28 1.42 11.17
N ARG B 457 -5.75 1.83 12.35
CA ARG B 457 -5.03 1.67 13.62
C ARG B 457 -5.72 0.64 14.50
N PRO B 458 -5.09 -0.52 14.71
CA PRO B 458 -5.58 -1.47 15.72
C PRO B 458 -5.43 -0.96 17.19
N VAL B 459 -6.46 -1.22 17.98
CA VAL B 459 -6.55 -0.83 19.36
C VAL B 459 -7.07 -2.04 20.12
N MET B 460 -6.34 -2.48 21.15
CA MET B 460 -6.76 -3.59 22.04
C MET B 460 -6.93 -3.02 23.44
N ARG B 461 -8.07 -3.31 24.07
CA ARG B 461 -8.30 -2.88 25.45
C ARG B 461 -8.39 -4.12 26.32
N ARG B 462 -7.61 -4.14 27.41
CA ARG B 462 -7.67 -5.24 28.40
C ARG B 462 -8.05 -4.71 29.77
N GLY B 463 -8.53 -5.63 30.60
CA GLY B 463 -8.78 -5.41 32.03
C GLY B 463 -7.60 -5.91 32.82
N PHE B 464 -7.62 -5.74 34.15
CA PHE B 464 -6.49 -6.11 35.00
C PHE B 464 -6.60 -7.50 35.66
N LEU B 465 -7.62 -8.28 35.29
CA LEU B 465 -7.89 -9.58 35.94
C LEU B 465 -7.16 -10.74 35.23
N PHE B 466 -7.18 -11.93 35.83
CA PHE B 466 -6.51 -13.13 35.26
C PHE B 466 -7.13 -13.55 33.92
N SER B 467 -6.29 -14.04 33.01
CA SER B 467 -6.74 -14.56 31.70
C SER B 467 -5.81 -15.65 31.16
N SER B 468 -6.28 -16.36 30.13
CA SER B 468 -5.59 -17.52 29.53
C SER B 468 -4.08 -17.35 29.39
N ILE B 469 -3.66 -16.21 28.86
CA ILE B 469 -2.24 -15.92 28.54
C ILE B 469 -1.28 -15.95 29.73
N ASP B 470 -1.77 -15.57 30.91
CA ASP B 470 -0.92 -15.45 32.11
C ASP B 470 -0.37 -16.78 32.66
N THR B 471 -0.94 -17.91 32.23
CA THR B 471 -0.44 -19.23 32.61
C THR B 471 0.93 -19.58 32.05
N VAL B 472 1.34 -18.92 30.95
CA VAL B 472 2.59 -19.27 30.26
C VAL B 472 3.61 -18.17 29.99
N ARG B 473 3.23 -16.89 30.12
CA ARG B 473 4.12 -15.81 29.68
C ARG B 473 5.26 -15.46 30.66
N PHE B 474 4.94 -15.29 31.95
CA PHE B 474 5.88 -14.67 32.90
C PHE B 474 6.98 -15.61 33.37
N PRO B 475 8.27 -15.21 33.22
CA PRO B 475 9.33 -16.00 33.87
C PRO B 475 9.30 -15.86 35.42
N PRO B 476 10.01 -16.70 36.18
CA PRO B 476 11.02 -17.64 35.70
C PRO B 476 10.45 -18.83 34.96
N TYR B 477 11.31 -19.45 34.15
CA TYR B 477 10.93 -20.58 33.31
C TYR B 477 11.02 -21.90 34.08
N THR B 478 9.97 -22.19 34.85
CA THR B 478 9.93 -23.37 35.71
C THR B 478 9.74 -24.65 34.88
N THR B 479 10.00 -25.80 35.50
CA THR B 479 9.73 -27.11 34.87
C THR B 479 8.23 -27.32 34.69
N ALA B 480 7.45 -26.81 35.64
CA ALA B 480 5.98 -26.84 35.55
C ALA B 480 5.43 -26.00 34.37
N LYS B 481 6.09 -24.88 34.08
CA LYS B 481 5.76 -24.04 32.91
C LYS B 481 6.11 -24.73 31.59
N SER B 482 7.21 -25.50 31.58
CA SER B 482 7.63 -26.28 30.41
C SER B 482 6.68 -27.44 30.08
N ARG B 483 6.21 -28.14 31.12
CA ARG B 483 5.29 -29.28 30.94
C ARG B 483 3.90 -28.84 30.43
N VAL B 484 3.45 -27.64 30.82
CA VAL B 484 2.21 -27.00 30.29
C VAL B 484 2.34 -26.64 28.78
N LEU B 485 3.49 -26.09 28.39
CA LEU B 485 3.75 -25.71 27.00
C LEU B 485 4.03 -26.90 26.10
N ASN B 486 4.71 -27.91 26.65
CA ASN B 486 4.93 -29.17 25.93
C ASN B 486 3.59 -29.83 25.60
N SER B 487 2.69 -29.88 26.58
CA SER B 487 1.36 -30.48 26.39
C SER B 487 0.52 -29.82 25.27
N LEU B 488 0.77 -28.54 24.98
CA LEU B 488 0.16 -27.85 23.82
C LEU B 488 0.74 -28.30 22.47
N LEU B 489 2.04 -28.60 22.44
CA LEU B 489 2.72 -29.03 21.22
C LEU B 489 2.50 -30.52 20.99
#